data_5FXD
#
_entry.id   5FXD
#
_cell.length_a   57.720
_cell.length_b   96.690
_cell.length_c   179.710
_cell.angle_alpha   90.00
_cell.angle_beta   90.00
_cell.angle_gamma   90.00
#
_symmetry.space_group_name_H-M   'P 21 21 21'
#
loop_
_entity.id
_entity.type
_entity.pdbx_description
1 polymer 'PROBABLE VANILLYL-ALCOHOL OXIDASE'
2 non-polymer 'FLAVIN-ADENINE DINUCLEOTIDE'
3 non-polymer ISOEUGENOL
4 non-polymer GLYCEROL
5 water water
#
_entity_poly.entity_id   1
_entity_poly.type   'polypeptide(L)'
_entity_poly.pdbx_seq_one_letter_code
;MTRTLPPGVSDERFDAALQRFRDVVGDKWVLSTADELEAFRDPYPVGAAEANLPSAVVSPESTEQVQDIVRIANEYGIPL
SPVSTGKNNGYGGAAPRLSGSVIVKTGERMNRILEVNEKYGYALLEPGVTYFDLYEYLQSHDSGLMLDCPDLGWGSVVGN
TLDRGVGYTPYGDHFMWQTGLEVVLPQGEVMRTGMGALPGSDAWQLFPYGFGPFPDGMFTQSNLGIVTKMGIALMQRPPA
SQSFLITFDKEEDLEQIVDIMLPLRINMAPLQNVPVLRNIFMDAAAVSKRTEWFDGDGPMPAEAIERMKKDLDLGFWNFY
GTLYGPPPLIEMYYGMIKEAFGKIPGARFFTHEERDDRGGHVLQDRHKINNGIPSLDELQLLDWVPNGGHIGFSPVSAPD
GREAMKQFEMVRNRANEYNKDYAAQFIIGLREMHHVCLFIYDTAIPEAREEILQMTKVLVREAAEAGYGEYRTHNALMDD
VMATFNWGDGALLKFHEKIKDALDPNGIIAPGKSGIWSQRFRGQNL
;
_entity_poly.pdbx_strand_id   A,B
#
# COMPACT_ATOMS: atom_id res chain seq x y z
N THR A 2 36.95 22.60 -11.80
CA THR A 2 36.82 22.19 -13.22
C THR A 2 35.34 21.98 -13.50
N ARG A 3 35.02 21.89 -14.78
CA ARG A 3 33.69 21.60 -15.16
C ARG A 3 33.26 20.20 -14.64
N THR A 4 32.07 20.12 -14.09
CA THR A 4 31.54 18.83 -13.63
C THR A 4 31.01 18.10 -14.87
N LEU A 5 31.51 16.90 -15.11
CA LEU A 5 31.11 16.15 -16.28
C LEU A 5 30.53 14.83 -15.81
N PRO A 6 29.63 14.24 -16.62
CA PRO A 6 29.15 12.92 -16.24
C PRO A 6 30.30 11.89 -16.24
N PRO A 7 30.25 10.86 -15.41
CA PRO A 7 31.36 9.87 -15.46
C PRO A 7 31.58 9.24 -16.84
N GLY A 8 32.85 9.26 -17.24
CA GLY A 8 33.24 8.70 -18.48
C GLY A 8 32.86 9.48 -19.70
N VAL A 9 32.39 10.71 -19.59
CA VAL A 9 31.86 11.42 -20.75
C VAL A 9 32.76 12.66 -20.97
N SER A 10 33.21 12.87 -22.21
CA SER A 10 34.15 13.96 -22.51
C SER A 10 33.44 15.30 -22.57
N ASP A 11 34.21 16.37 -22.41
CA ASP A 11 33.73 17.74 -22.68
C ASP A 11 32.95 17.82 -23.96
N GLU A 12 33.53 17.25 -25.02
CA GLU A 12 32.97 17.33 -26.36
C GLU A 12 31.65 16.57 -26.46
N ARG A 13 31.60 15.37 -25.91
CA ARG A 13 30.37 14.62 -25.99
C ARG A 13 29.28 15.28 -25.09
N PHE A 14 29.67 15.76 -23.91
CA PHE A 14 28.77 16.45 -23.00
C PHE A 14 28.20 17.72 -23.66
N ASP A 15 29.01 18.48 -24.36
CA ASP A 15 28.50 19.57 -25.17
C ASP A 15 27.46 19.17 -26.21
N ALA A 16 27.70 18.07 -26.91
CA ALA A 16 26.73 17.60 -27.89
C ALA A 16 25.42 17.17 -27.24
N ALA A 17 25.53 16.50 -26.11
CA ALA A 17 24.34 16.06 -25.35
C ALA A 17 23.54 17.26 -24.88
N LEU A 18 24.24 18.27 -24.39
CA LEU A 18 23.56 19.51 -23.91
C LEU A 18 22.77 20.17 -25.01
N GLN A 19 23.37 20.28 -26.19
CA GLN A 19 22.64 20.81 -27.34
C GLN A 19 21.42 19.98 -27.69
N ARG A 20 21.49 18.62 -27.64
CA ARG A 20 20.33 17.87 -27.92
C ARG A 20 19.23 18.11 -26.89
N PHE A 21 19.62 18.24 -25.64
CA PHE A 21 18.61 18.57 -24.56
C PHE A 21 17.95 19.89 -24.89
N ARG A 22 18.78 20.86 -25.30
CA ARG A 22 18.19 22.16 -25.75
C ARG A 22 17.24 22.02 -26.94
N ASP A 23 17.55 21.14 -27.92
CA ASP A 23 16.62 20.87 -28.99
C ASP A 23 15.23 20.42 -28.51
N VAL A 24 15.21 19.64 -27.44
CA VAL A 24 13.96 19.16 -26.87
C VAL A 24 13.22 20.23 -26.12
N VAL A 25 13.89 20.80 -25.14
CA VAL A 25 13.20 21.65 -24.15
C VAL A 25 13.24 23.16 -24.37
N GLY A 26 14.16 23.61 -25.22
CA GLY A 26 14.48 25.00 -25.40
C GLY A 26 15.75 25.42 -24.71
N ASP A 27 16.50 26.33 -25.36
CA ASP A 27 17.72 26.82 -24.75
C ASP A 27 17.63 27.42 -23.32
N LYS A 28 16.53 28.07 -22.97
CA LYS A 28 16.37 28.71 -21.70
C LYS A 28 16.20 27.67 -20.59
N TRP A 29 15.83 26.46 -20.99
CA TRP A 29 15.38 25.40 -20.04
C TRP A 29 16.44 24.33 -19.78
N VAL A 30 17.71 24.66 -20.13
CA VAL A 30 18.88 23.81 -19.84
C VAL A 30 19.88 24.74 -19.21
N LEU A 31 20.25 24.44 -17.98
CA LEU A 31 21.28 25.15 -17.21
C LEU A 31 22.52 24.32 -17.09
N SER A 32 23.68 24.93 -17.42
CA SER A 32 24.95 24.23 -17.40
C SER A 32 26.18 25.08 -16.96
N THR A 33 26.04 26.37 -16.66
CA THR A 33 27.19 27.10 -16.11
C THR A 33 27.37 26.86 -14.64
N ALA A 34 28.61 27.03 -14.18
CA ALA A 34 28.92 26.95 -12.77
C ALA A 34 28.03 27.81 -11.87
N ASP A 35 27.76 29.05 -12.31
CA ASP A 35 26.91 30.00 -11.58
C ASP A 35 25.48 29.49 -11.48
N GLU A 36 24.94 29.01 -12.60
CA GLU A 36 23.59 28.55 -12.68
C GLU A 36 23.42 27.27 -11.84
N LEU A 37 24.46 26.46 -11.71
CA LEU A 37 24.33 25.18 -11.00
C LEU A 37 24.52 25.35 -9.53
N GLU A 38 25.12 26.46 -9.09
CA GLU A 38 25.28 26.72 -7.64
C GLU A 38 24.00 26.62 -6.88
N ALA A 39 22.92 27.08 -7.51
CA ALA A 39 21.63 27.04 -6.92
C ALA A 39 21.12 25.63 -6.67
N PHE A 40 21.72 24.60 -7.26
CA PHE A 40 21.20 23.26 -7.18
C PHE A 40 22.11 22.40 -6.31
N ARG A 41 23.11 23.00 -5.69
CA ARG A 41 23.89 22.29 -4.66
C ARG A 41 23.00 22.01 -3.47
N ASP A 42 23.32 20.92 -2.76
CA ASP A 42 22.66 20.69 -1.46
C ASP A 42 22.74 21.95 -0.60
N PRO A 43 21.58 22.48 -0.13
CA PRO A 43 21.67 23.68 0.67
C PRO A 43 22.25 23.35 2.04
N TYR A 44 22.18 22.07 2.49
CA TYR A 44 22.65 21.66 3.80
C TYR A 44 23.73 20.60 3.56
N PRO A 45 24.89 21.05 3.05
CA PRO A 45 25.91 20.03 2.66
C PRO A 45 26.46 19.27 3.85
N VAL A 46 26.79 18.01 3.56
CA VAL A 46 27.17 17.02 4.53
C VAL A 46 28.57 16.61 4.01
N GLY A 47 29.48 16.42 4.96
CA GLY A 47 30.88 16.08 4.61
C GLY A 47 31.67 17.38 4.29
N ALA A 48 32.94 17.37 4.68
CA ALA A 48 33.84 18.48 4.29
C ALA A 48 34.03 18.59 2.82
N ALA A 49 34.36 17.48 2.19
CA ALA A 49 34.66 17.48 0.76
C ALA A 49 33.49 17.71 -0.16
N GLU A 50 33.74 18.27 -1.33
CA GLU A 50 32.68 18.47 -2.34
C GLU A 50 32.03 17.14 -2.69
N ALA A 51 30.70 17.17 -2.92
CA ALA A 51 29.99 15.95 -3.21
C ALA A 51 28.62 16.30 -3.88
N ASN A 52 28.02 15.32 -4.54
CA ASN A 52 26.67 15.51 -5.12
C ASN A 52 26.60 16.69 -6.11
N LEU A 53 27.55 16.74 -7.03
CA LEU A 53 27.61 17.85 -7.99
C LEU A 53 26.85 17.54 -9.26
N PRO A 54 25.84 18.37 -9.63
CA PRO A 54 25.17 18.20 -10.89
C PRO A 54 25.97 18.72 -12.05
N SER A 55 25.83 18.13 -13.21
CA SER A 55 26.47 18.64 -14.43
C SER A 55 25.59 19.60 -15.18
N ALA A 56 24.27 19.48 -15.02
CA ALA A 56 23.32 20.34 -15.75
C ALA A 56 21.95 20.15 -15.13
N VAL A 57 21.03 21.05 -15.46
CA VAL A 57 19.64 20.95 -15.07
C VAL A 57 18.81 21.08 -16.31
N VAL A 58 17.87 20.14 -16.57
CA VAL A 58 17.00 20.22 -17.69
C VAL A 58 15.53 20.28 -17.19
N SER A 59 14.75 21.23 -17.69
CA SER A 59 13.34 21.44 -17.28
C SER A 59 12.37 21.16 -18.38
N PRO A 60 11.82 19.92 -18.44
CA PRO A 60 10.95 19.53 -19.51
C PRO A 60 9.56 20.05 -19.31
N GLU A 61 8.83 20.29 -20.38
CA GLU A 61 7.44 20.84 -20.34
C GLU A 61 6.32 19.78 -20.29
N SER A 62 6.69 18.52 -20.61
CA SER A 62 5.68 17.47 -20.91
C SER A 62 6.31 16.09 -20.79
N THR A 63 5.45 15.07 -20.69
CA THR A 63 5.83 13.68 -20.65
C THR A 63 6.63 13.31 -21.91
N GLU A 64 6.23 13.87 -23.05
CA GLU A 64 6.94 13.57 -24.28
C GLU A 64 8.35 14.10 -24.27
N GLN A 65 8.53 15.32 -23.73
CA GLN A 65 9.87 15.82 -23.55
C GLN A 65 10.68 14.99 -22.60
N VAL A 66 10.05 14.53 -21.51
CA VAL A 66 10.75 13.60 -20.61
C VAL A 66 11.28 12.34 -21.35
N GLN A 67 10.40 11.75 -22.11
CA GLN A 67 10.78 10.61 -23.00
C GLN A 67 11.96 10.87 -23.90
N ASP A 68 11.91 12.00 -24.57
CA ASP A 68 13.03 12.40 -25.47
C ASP A 68 14.31 12.60 -24.74
N ILE A 69 14.24 13.27 -23.56
CA ILE A 69 15.42 13.46 -22.72
C ILE A 69 16.03 12.10 -22.28
N VAL A 70 15.16 11.18 -21.89
CA VAL A 70 15.59 9.87 -21.46
C VAL A 70 16.32 9.15 -22.64
N ARG A 71 15.74 9.28 -23.82
CA ARG A 71 16.30 8.63 -25.01
C ARG A 71 17.68 9.17 -25.24
N ILE A 72 17.83 10.50 -25.22
CA ILE A 72 19.16 11.13 -25.38
C ILE A 72 20.18 10.67 -24.37
N ALA A 73 19.75 10.61 -23.11
CA ALA A 73 20.63 10.22 -22.06
C ALA A 73 21.09 8.72 -22.27
N ASN A 74 20.18 7.86 -22.68
CA ASN A 74 20.59 6.46 -23.02
C ASN A 74 21.64 6.43 -24.11
N GLU A 75 21.44 7.18 -25.16
CA GLU A 75 22.46 7.18 -26.27
C GLU A 75 23.81 7.72 -25.85
N TYR A 76 23.85 8.74 -24.96
CA TYR A 76 25.09 9.35 -24.52
C TYR A 76 25.70 8.78 -23.28
N GLY A 77 24.95 7.94 -22.56
CA GLY A 77 25.40 7.40 -21.30
C GLY A 77 25.53 8.44 -20.19
N ILE A 78 24.57 9.36 -20.18
CA ILE A 78 24.53 10.48 -19.26
C ILE A 78 23.52 10.13 -18.14
N PRO A 79 23.94 10.15 -16.88
CA PRO A 79 22.96 9.81 -15.84
C PRO A 79 21.97 10.95 -15.60
N LEU A 80 20.71 10.59 -15.28
CA LEU A 80 19.62 11.58 -15.07
C LEU A 80 19.10 11.43 -13.69
N SER A 81 18.98 12.54 -12.96
CA SER A 81 18.49 12.50 -11.60
C SER A 81 17.16 13.26 -11.51
N PRO A 82 16.00 12.57 -11.52
CA PRO A 82 14.73 13.30 -11.49
C PRO A 82 14.33 13.88 -10.13
N VAL A 83 13.86 15.13 -10.14
CA VAL A 83 13.25 15.75 -9.02
C VAL A 83 11.91 16.30 -9.44
N SER A 84 11.11 16.67 -8.45
CA SER A 84 9.85 17.38 -8.69
C SER A 84 10.10 18.86 -8.45
N THR A 85 10.10 19.28 -7.21
CA THR A 85 10.44 20.63 -6.87
C THR A 85 11.90 20.71 -6.33
N GLY A 86 12.48 19.57 -5.92
CA GLY A 86 13.87 19.56 -5.44
C GLY A 86 14.08 20.26 -4.09
N LYS A 87 13.12 20.17 -3.19
CA LYS A 87 13.14 20.70 -1.85
C LYS A 87 13.33 19.59 -0.79
N ASN A 88 14.06 18.52 -1.16
CA ASN A 88 14.36 17.38 -0.23
C ASN A 88 15.46 17.73 0.80
N ASN A 89 15.28 18.87 1.45
CA ASN A 89 16.25 19.43 2.36
C ASN A 89 16.31 18.62 3.64
N GLY A 90 17.53 18.28 4.02
CA GLY A 90 17.84 17.32 5.04
C GLY A 90 18.29 16.00 4.47
N TYR A 91 17.96 15.73 3.23
CA TYR A 91 18.29 14.51 2.59
C TYR A 91 19.10 14.69 1.32
N GLY A 92 19.45 15.94 1.01
CA GLY A 92 20.20 16.20 -0.18
C GLY A 92 19.73 17.40 -1.03
N GLY A 93 18.55 17.95 -0.77
CA GLY A 93 18.00 19.06 -1.57
C GLY A 93 17.70 18.52 -2.96
N ALA A 94 18.13 19.23 -4.02
CA ALA A 94 17.95 18.76 -5.34
C ALA A 94 19.17 18.03 -5.87
N ALA A 95 20.23 17.95 -5.09
CA ALA A 95 21.54 17.45 -5.59
C ALA A 95 21.51 15.94 -5.83
N PRO A 96 22.12 15.50 -6.91
CA PRO A 96 22.14 14.08 -7.26
C PRO A 96 23.06 13.28 -6.38
N ARG A 97 22.70 12.03 -6.14
CA ARG A 97 23.58 11.09 -5.44
C ARG A 97 24.92 10.99 -6.17
N LEU A 98 24.86 10.80 -7.47
CA LEU A 98 26.06 10.61 -8.29
C LEU A 98 26.48 11.94 -8.93
N SER A 99 27.67 12.39 -8.55
CA SER A 99 28.16 13.61 -9.17
C SER A 99 28.33 13.44 -10.67
N GLY A 100 27.98 14.47 -11.40
CA GLY A 100 27.93 14.42 -12.82
C GLY A 100 26.62 14.12 -13.43
N SER A 101 25.64 13.75 -12.59
CA SER A 101 24.35 13.53 -13.16
C SER A 101 23.71 14.82 -13.59
N VAL A 102 22.83 14.71 -14.55
CA VAL A 102 21.95 15.81 -14.95
C VAL A 102 20.66 15.78 -14.14
N ILE A 103 20.34 16.89 -13.49
CA ILE A 103 19.05 16.99 -12.79
C ILE A 103 17.94 17.20 -13.83
N VAL A 104 16.88 16.39 -13.77
CA VAL A 104 15.64 16.60 -14.57
C VAL A 104 14.61 17.18 -13.62
N LYS A 105 14.43 18.50 -13.67
CA LYS A 105 13.59 19.20 -12.74
C LYS A 105 12.21 19.19 -13.37
N THR A 106 11.47 18.12 -13.13
CA THR A 106 10.14 17.99 -13.73
C THR A 106 9.16 19.10 -13.29
N GLY A 107 9.27 19.58 -12.07
CA GLY A 107 8.29 20.46 -11.57
C GLY A 107 8.33 21.89 -11.99
N GLU A 108 9.44 22.28 -12.62
CA GLU A 108 9.60 23.68 -13.06
C GLU A 108 8.47 24.05 -13.99
N ARG A 109 8.20 23.20 -14.98
CA ARG A 109 7.18 23.44 -16.03
C ARG A 109 6.05 22.44 -16.01
N MET A 110 6.26 21.24 -15.47
CA MET A 110 5.14 20.32 -15.41
C MET A 110 4.47 20.53 -14.02
N ASN A 111 3.64 21.56 -13.92
CA ASN A 111 3.17 22.07 -12.65
C ASN A 111 1.65 22.24 -12.66
N ARG A 112 0.95 21.49 -13.49
CA ARG A 112 -0.53 21.59 -13.55
C ARG A 112 -1.29 20.69 -12.59
N ILE A 113 -2.33 21.27 -11.99
CA ILE A 113 -3.38 20.49 -11.35
C ILE A 113 -4.26 19.91 -12.46
N LEU A 114 -4.18 18.61 -12.76
CA LEU A 114 -4.92 18.04 -13.91
C LEU A 114 -6.38 17.83 -13.58
N GLU A 115 -6.69 17.44 -12.34
CA GLU A 115 -8.06 17.19 -11.88
C GLU A 115 -8.13 17.26 -10.37
N VAL A 116 -9.13 17.95 -9.84
CA VAL A 116 -9.55 17.78 -8.45
C VAL A 116 -11.01 17.36 -8.56
N ASN A 117 -11.30 16.19 -8.09
CA ASN A 117 -12.64 15.61 -8.13
C ASN A 117 -13.26 15.75 -6.78
N GLU A 118 -14.27 16.61 -6.67
CA GLU A 118 -14.95 16.87 -5.41
C GLU A 118 -15.81 15.67 -4.90
N LYS A 119 -16.44 14.99 -5.83
CA LYS A 119 -17.38 13.90 -5.50
C LYS A 119 -16.64 12.70 -4.91
N TYR A 120 -15.53 12.30 -5.51
CA TYR A 120 -14.81 11.10 -5.13
C TYR A 120 -13.55 11.46 -4.29
N GLY A 121 -13.27 12.75 -4.10
CA GLY A 121 -12.21 13.15 -3.22
C GLY A 121 -10.82 12.72 -3.60
N TYR A 122 -10.37 13.23 -4.73
CA TYR A 122 -9.04 12.99 -5.24
C TYR A 122 -8.52 14.13 -6.07
N ALA A 123 -7.21 14.12 -6.26
CA ALA A 123 -6.51 14.94 -7.21
C ALA A 123 -5.65 14.12 -8.10
N LEU A 124 -5.48 14.62 -9.32
CA LEU A 124 -4.55 14.14 -10.28
C LEU A 124 -3.56 15.25 -10.57
N LEU A 125 -2.26 15.04 -10.25
CA LEU A 125 -1.26 16.13 -10.22
C LEU A 125 -0.04 15.88 -11.06
N GLU A 126 0.55 16.99 -11.59
CA GLU A 126 1.89 16.96 -12.11
C GLU A 126 2.88 17.24 -10.98
N PRO A 127 4.14 16.95 -11.21
CA PRO A 127 5.15 17.08 -10.10
C PRO A 127 5.41 18.47 -9.56
N GLY A 128 5.16 19.51 -10.35
CA GLY A 128 5.39 20.83 -9.81
C GLY A 128 4.30 21.47 -8.97
N VAL A 129 3.21 20.78 -8.71
CA VAL A 129 2.20 21.27 -7.81
C VAL A 129 2.70 21.17 -6.40
N THR A 130 2.89 22.33 -5.78
CA THR A 130 3.29 22.38 -4.41
C THR A 130 2.13 22.27 -3.53
N TYR A 131 2.38 22.03 -2.24
CA TYR A 131 1.28 22.09 -1.24
C TYR A 131 0.56 23.44 -1.24
N PHE A 132 1.31 24.50 -1.36
CA PHE A 132 0.71 25.85 -1.43
C PHE A 132 -0.22 25.93 -2.67
N ASP A 133 0.26 25.40 -3.79
CA ASP A 133 -0.48 25.48 -5.08
C ASP A 133 -1.85 24.75 -4.96
N LEU A 134 -1.82 23.57 -4.35
CA LEU A 134 -3.01 22.81 -4.19
C LEU A 134 -3.96 23.43 -3.16
N TYR A 135 -3.38 23.97 -2.08
CA TYR A 135 -4.19 24.71 -1.14
C TYR A 135 -4.94 25.88 -1.75
N GLU A 136 -4.22 26.65 -2.53
CA GLU A 136 -4.80 27.79 -3.28
C GLU A 136 -5.95 27.37 -4.20
N TYR A 137 -5.74 26.28 -4.92
CA TYR A 137 -6.77 25.68 -5.73
C TYR A 137 -8.03 25.36 -4.87
N LEU A 138 -7.84 24.60 -3.79
CA LEU A 138 -8.94 24.18 -2.95
C LEU A 138 -9.72 25.37 -2.40
N GLN A 139 -8.97 26.38 -1.96
CA GLN A 139 -9.55 27.60 -1.41
C GLN A 139 -10.32 28.35 -2.47
N SER A 140 -9.71 28.50 -3.64
CA SER A 140 -10.32 29.24 -4.78
C SER A 140 -11.62 28.63 -5.25
N HIS A 141 -11.76 27.31 -5.13
CA HIS A 141 -12.91 26.60 -5.64
C HIS A 141 -13.91 26.25 -4.54
N ASP A 142 -13.68 26.76 -3.34
CA ASP A 142 -14.53 26.53 -2.18
C ASP A 142 -14.73 25.04 -1.95
N SER A 143 -13.65 24.28 -2.13
CA SER A 143 -13.69 22.84 -1.96
C SER A 143 -14.10 22.42 -0.53
N GLY A 144 -14.79 21.29 -0.42
CA GLY A 144 -14.96 20.62 0.83
C GLY A 144 -13.83 19.62 1.18
N LEU A 145 -12.75 19.61 0.41
CA LEU A 145 -11.63 18.67 0.62
C LEU A 145 -10.49 19.40 1.29
N MET A 146 -9.62 18.64 1.96
CA MET A 146 -8.38 19.23 2.53
C MET A 146 -7.20 18.34 2.10
N LEU A 147 -6.06 18.96 2.00
CA LEU A 147 -4.83 18.26 1.70
C LEU A 147 -4.10 17.81 2.98
N ASP A 148 -3.05 17.01 2.82
CA ASP A 148 -2.20 16.62 3.93
C ASP A 148 -0.79 17.08 3.58
N CYS A 149 -0.22 17.97 4.38
CA CYS A 149 1.09 18.49 4.09
C CYS A 149 2.15 18.16 5.10
N PRO A 150 3.40 18.10 4.66
CA PRO A 150 4.51 18.07 5.58
C PRO A 150 4.65 19.44 6.26
N ASP A 151 5.63 19.57 7.11
CA ASP A 151 5.88 20.85 7.83
C ASP A 151 6.15 22.05 6.95
N LEU A 152 6.77 21.85 5.78
CA LEU A 152 7.07 22.94 4.82
C LEU A 152 6.29 22.85 3.54
N GLY A 153 5.53 23.89 3.18
CA GLY A 153 4.53 23.80 2.11
C GLY A 153 5.10 23.98 0.72
N TRP A 154 6.38 24.34 0.62
CA TRP A 154 7.01 24.57 -0.72
C TRP A 154 7.42 23.32 -1.46
N GLY A 155 7.28 22.14 -0.83
CA GLY A 155 7.56 20.89 -1.49
C GLY A 155 6.47 20.45 -2.44
N SER A 156 6.63 19.29 -3.01
CA SER A 156 5.78 18.80 -4.06
C SER A 156 4.88 17.71 -3.50
N VAL A 157 3.58 17.76 -3.76
CA VAL A 157 2.69 16.67 -3.36
C VAL A 157 3.24 15.39 -3.92
N VAL A 158 3.66 15.38 -5.20
CA VAL A 158 4.18 14.20 -5.84
C VAL A 158 5.54 13.79 -5.30
N GLY A 159 6.45 14.70 -5.29
CA GLY A 159 7.84 14.42 -4.91
C GLY A 159 8.00 13.93 -3.46
N ASN A 160 7.27 14.54 -2.53
CA ASN A 160 7.28 14.10 -1.17
C ASN A 160 6.75 12.65 -1.06
N THR A 161 5.65 12.37 -1.77
CA THR A 161 5.13 11.01 -1.86
C THR A 161 6.12 10.00 -2.42
N LEU A 162 6.87 10.39 -3.42
CA LEU A 162 7.84 9.49 -4.04
C LEU A 162 8.99 9.16 -3.10
N ASP A 163 9.24 9.98 -2.09
CA ASP A 163 10.27 9.61 -1.06
C ASP A 163 9.64 9.01 0.20
N ARG A 164 8.37 8.69 0.16
CA ARG A 164 7.51 8.21 1.27
C ARG A 164 7.54 9.15 2.44
N GLY A 165 7.37 10.43 2.14
CA GLY A 165 7.23 11.46 3.13
C GLY A 165 5.93 11.41 3.87
N VAL A 166 5.82 12.26 4.85
CA VAL A 166 4.76 12.18 5.78
C VAL A 166 4.18 13.52 6.15
N GLY A 167 2.90 13.51 6.40
CA GLY A 167 2.19 14.58 7.03
C GLY A 167 1.42 14.13 8.23
N TYR A 168 0.49 14.99 8.67
CA TYR A 168 0.01 14.89 10.02
C TYR A 168 -1.52 14.85 10.25
N THR A 169 -2.28 14.88 9.18
CA THR A 169 -3.75 14.63 9.28
C THR A 169 -3.94 13.13 9.26
N PRO A 170 -5.20 12.69 9.33
CA PRO A 170 -5.40 11.27 9.21
C PRO A 170 -4.97 10.68 7.87
N TYR A 171 -4.80 11.53 6.85
CA TYR A 171 -4.20 11.10 5.59
C TYR A 171 -2.67 11.34 5.52
N GLY A 172 -2.00 11.26 6.66
CA GLY A 172 -0.55 11.59 6.73
C GLY A 172 0.39 10.63 6.10
N ASP A 173 -0.05 9.39 5.87
CA ASP A 173 0.82 8.46 5.13
C ASP A 173 0.59 8.67 3.64
N HIS A 174 1.41 9.54 3.01
CA HIS A 174 1.19 9.97 1.62
C HIS A 174 1.13 8.82 0.67
N PHE A 175 2.07 7.92 0.82
CA PHE A 175 2.06 6.80 -0.05
C PHE A 175 0.82 5.92 0.03
N MET A 176 0.26 5.76 1.22
CA MET A 176 -1.02 5.02 1.40
C MET A 176 -2.10 5.57 0.52
N TRP A 177 -2.15 6.91 0.38
CA TRP A 177 -3.26 7.56 -0.31
C TRP A 177 -2.95 7.79 -1.74
N GLN A 178 -1.73 7.57 -2.18
CA GLN A 178 -1.38 7.65 -3.64
C GLN A 178 -2.18 6.63 -4.42
N THR A 179 -2.76 7.06 -5.55
CA THR A 179 -3.65 6.24 -6.30
C THR A 179 -3.41 6.53 -7.79
N GLY A 180 -2.72 5.60 -8.46
CA GLY A 180 -2.35 5.75 -9.86
C GLY A 180 -1.09 6.61 -10.09
N LEU A 181 -0.33 6.24 -11.10
CA LEU A 181 0.74 7.11 -11.57
C LEU A 181 1.13 6.89 -13.00
N GLU A 182 1.76 7.86 -13.61
CA GLU A 182 2.32 7.72 -14.96
C GLU A 182 3.86 7.89 -14.84
N VAL A 183 4.62 7.01 -15.46
CA VAL A 183 6.08 7.05 -15.30
C VAL A 183 6.75 6.80 -16.61
N VAL A 184 7.86 7.49 -16.87
CA VAL A 184 8.67 7.21 -17.99
C VAL A 184 9.76 6.29 -17.50
N LEU A 185 9.80 5.07 -18.07
CA LEU A 185 10.76 4.07 -17.68
C LEU A 185 12.17 4.38 -18.19
N PRO A 186 13.21 3.60 -17.77
CA PRO A 186 14.54 4.09 -17.97
C PRO A 186 15.07 4.11 -19.35
N GLN A 187 14.39 3.43 -20.29
CA GLN A 187 14.69 3.59 -21.74
C GLN A 187 13.71 4.43 -22.54
N GLY A 188 12.78 5.10 -21.84
CA GLY A 188 11.94 6.05 -22.55
C GLY A 188 10.47 5.70 -22.81
N GLU A 189 10.06 4.49 -22.44
CA GLU A 189 8.71 4.01 -22.59
C GLU A 189 7.84 4.66 -21.50
N VAL A 190 6.61 4.97 -21.80
CA VAL A 190 5.69 5.50 -20.81
C VAL A 190 4.67 4.44 -20.37
N MET A 191 4.36 4.41 -19.06
CA MET A 191 3.46 3.43 -18.46
C MET A 191 2.55 4.09 -17.44
N ARG A 192 1.31 3.61 -17.38
CA ARG A 192 0.41 4.06 -16.35
C ARG A 192 0.16 2.84 -15.47
N THR A 193 0.04 3.05 -14.16
CA THR A 193 -0.27 1.99 -13.23
C THR A 193 -1.77 1.90 -12.91
N GLY A 194 -2.15 0.78 -12.30
CA GLY A 194 -3.47 0.69 -11.75
C GLY A 194 -4.54 0.62 -12.83
N MET A 195 -5.66 1.24 -12.55
CA MET A 195 -6.76 1.32 -13.50
C MET A 195 -6.44 2.24 -14.63
N GLY A 196 -5.39 3.06 -14.49
CA GLY A 196 -5.01 3.89 -15.59
C GLY A 196 -4.40 3.10 -16.76
N ALA A 197 -4.03 1.85 -16.55
CA ALA A 197 -3.55 1.02 -17.65
C ALA A 197 -4.77 0.54 -18.50
N LEU A 198 -5.97 0.78 -18.04
CA LEU A 198 -7.21 0.30 -18.78
C LEU A 198 -7.72 1.52 -19.56
N PRO A 199 -7.58 1.51 -20.89
CA PRO A 199 -7.96 2.73 -21.65
C PRO A 199 -9.38 3.15 -21.41
N GLY A 200 -9.54 4.42 -21.16
CA GLY A 200 -10.82 4.96 -20.81
C GLY A 200 -11.38 4.79 -19.40
N SER A 201 -10.65 4.11 -18.50
CA SER A 201 -11.19 3.92 -17.15
C SER A 201 -11.34 5.31 -16.49
N ASP A 202 -12.39 5.47 -15.73
CA ASP A 202 -12.55 6.60 -14.82
C ASP A 202 -12.07 6.27 -13.36
N ALA A 203 -11.42 5.13 -13.19
CA ALA A 203 -11.12 4.64 -11.83
C ALA A 203 -9.62 4.79 -11.44
N TRP A 204 -8.86 5.56 -12.22
CA TRP A 204 -7.40 5.63 -11.97
C TRP A 204 -7.07 6.13 -10.54
N GLN A 205 -7.83 7.09 -10.07
CA GLN A 205 -7.73 7.63 -8.73
C GLN A 205 -8.74 7.03 -7.75
N LEU A 206 -9.48 5.96 -8.15
CA LEU A 206 -10.49 5.35 -7.32
C LEU A 206 -10.02 4.04 -6.69
N PHE A 207 -9.32 3.25 -7.46
CA PHE A 207 -8.83 1.92 -7.06
C PHE A 207 -7.38 1.80 -7.42
N PRO A 208 -6.50 1.71 -6.41
CA PRO A 208 -5.08 1.77 -6.66
C PRO A 208 -4.48 0.57 -7.34
N TYR A 209 -5.04 -0.60 -7.15
CA TYR A 209 -4.31 -1.80 -7.48
C TYR A 209 -4.33 -2.19 -8.93
N GLY A 210 -5.43 -1.96 -9.61
CA GLY A 210 -5.54 -2.57 -10.91
C GLY A 210 -5.53 -4.09 -10.90
N PHE A 211 -4.93 -4.66 -11.93
CA PHE A 211 -4.87 -6.12 -12.14
C PHE A 211 -3.45 -6.59 -12.26
N GLY A 212 -3.10 -7.73 -11.61
CA GLY A 212 -1.76 -8.21 -11.71
C GLY A 212 -0.84 -7.65 -10.64
N PRO A 213 0.47 -7.88 -10.74
CA PRO A 213 1.38 -7.40 -9.69
C PRO A 213 1.31 -5.88 -9.49
N PHE A 214 1.30 -5.44 -8.25
CA PHE A 214 1.05 -4.05 -7.93
C PHE A 214 2.43 -3.30 -7.84
N PRO A 215 2.71 -2.35 -8.78
CA PRO A 215 4.06 -1.90 -8.92
C PRO A 215 4.35 -0.52 -8.32
N ASP A 216 3.33 0.26 -7.93
CA ASP A 216 3.58 1.70 -7.64
C ASP A 216 4.67 1.95 -6.56
N GLY A 217 4.75 1.06 -5.57
CA GLY A 217 5.74 1.16 -4.52
C GLY A 217 7.15 1.07 -5.01
N MET A 218 7.33 0.40 -6.15
CA MET A 218 8.63 0.25 -6.75
C MET A 218 9.16 1.54 -7.38
N PHE A 219 8.31 2.55 -7.47
CA PHE A 219 8.70 3.90 -7.92
C PHE A 219 8.90 4.88 -6.79
N THR A 220 8.91 4.40 -5.56
CA THR A 220 9.12 5.22 -4.34
C THR A 220 10.50 4.89 -3.74
N GLN A 221 11.25 5.93 -3.31
CA GLN A 221 12.64 5.75 -2.93
C GLN A 221 13.47 4.91 -3.94
N SER A 222 13.29 5.24 -5.21
CA SER A 222 13.66 4.36 -6.27
C SER A 222 14.34 5.09 -7.41
N ASN A 223 15.01 4.35 -8.25
CA ASN A 223 15.57 4.91 -9.50
C ASN A 223 15.09 4.14 -10.72
N LEU A 224 13.81 3.81 -10.76
CA LEU A 224 13.25 3.01 -11.83
C LEU A 224 12.48 3.79 -12.87
N GLY A 225 12.38 5.10 -12.71
CA GLY A 225 11.77 5.91 -13.75
C GLY A 225 11.63 7.38 -13.35
N ILE A 226 11.07 8.15 -14.25
CA ILE A 226 10.72 9.52 -14.04
C ILE A 226 9.21 9.65 -14.06
N VAL A 227 8.67 9.98 -12.91
CA VAL A 227 7.23 10.07 -12.75
C VAL A 227 6.73 11.42 -13.23
N THR A 228 5.62 11.36 -13.99
CA THR A 228 5.08 12.48 -14.70
C THR A 228 3.68 12.89 -14.28
N LYS A 229 2.91 12.01 -13.65
CA LYS A 229 1.58 12.30 -13.13
C LYS A 229 1.37 11.37 -11.94
N MET A 230 0.65 11.81 -10.96
CA MET A 230 0.35 10.97 -9.80
C MET A 230 -1.00 11.41 -9.27
N GLY A 231 -1.80 10.43 -8.90
CA GLY A 231 -3.02 10.70 -8.18
C GLY A 231 -2.86 10.56 -6.68
N ILE A 232 -3.73 11.25 -5.97
CA ILE A 232 -3.78 11.13 -4.49
C ILE A 232 -5.19 11.36 -3.97
N ALA A 233 -5.62 10.54 -3.01
CA ALA A 233 -6.93 10.72 -2.36
C ALA A 233 -6.85 11.95 -1.48
N LEU A 234 -7.94 12.70 -1.37
CA LEU A 234 -8.02 13.86 -0.48
C LEU A 234 -9.19 13.64 0.51
N MET A 235 -8.89 13.90 1.76
CA MET A 235 -9.85 13.76 2.83
C MET A 235 -10.91 14.90 2.78
N GLN A 236 -12.15 14.59 3.17
CA GLN A 236 -13.15 15.64 3.38
C GLN A 236 -12.78 16.44 4.63
N ARG A 237 -12.90 17.76 4.54
CA ARG A 237 -12.70 18.59 5.71
C ARG A 237 -13.78 18.35 6.76
N PRO A 238 -13.40 18.06 8.00
CA PRO A 238 -14.38 17.90 9.09
C PRO A 238 -15.06 19.22 9.53
N PRO A 239 -16.14 19.08 10.28
CA PRO A 239 -16.83 20.30 10.61
C PRO A 239 -16.15 21.21 11.62
N ALA A 240 -15.32 20.64 12.49
CA ALA A 240 -14.58 21.33 13.48
C ALA A 240 -13.25 20.56 13.77
N SER A 241 -12.33 21.28 14.37
CA SER A 241 -11.09 20.67 14.84
C SER A 241 -10.58 21.43 16.06
N GLN A 242 -9.66 20.78 16.79
CA GLN A 242 -9.01 21.40 17.97
C GLN A 242 -7.63 20.77 18.07
N SER A 243 -6.63 21.61 18.23
CA SER A 243 -5.29 21.18 18.46
C SER A 243 -4.91 21.38 19.92
N PHE A 244 -3.95 20.58 20.35
CA PHE A 244 -3.47 20.67 21.74
C PHE A 244 -2.01 20.37 21.83
N LEU A 245 -1.43 20.88 22.90
CA LEU A 245 -0.06 20.68 23.31
C LEU A 245 -0.13 20.10 24.69
N ILE A 246 0.70 19.10 24.93
CA ILE A 246 0.93 18.60 26.30
C ILE A 246 2.45 18.81 26.58
N THR A 247 2.79 19.66 27.56
CA THR A 247 4.17 19.74 27.98
C THR A 247 4.52 18.69 29.10
N PHE A 248 5.68 18.10 28.97
CA PHE A 248 6.24 17.15 29.95
C PHE A 248 7.58 17.64 30.38
N ASP A 249 7.74 17.75 31.71
CA ASP A 249 8.91 18.44 32.23
C ASP A 249 10.30 17.73 32.06
N LYS A 250 10.38 16.39 32.16
CA LYS A 250 11.65 15.70 32.23
C LYS A 250 12.03 14.95 30.99
N GLU A 251 13.32 14.95 30.66
CA GLU A 251 13.82 14.04 29.62
C GLU A 251 13.35 12.64 29.83
N GLU A 252 13.28 12.16 31.07
CA GLU A 252 12.99 10.80 31.34
C GLU A 252 11.51 10.50 31.24
N ASP A 253 10.67 11.49 30.97
CA ASP A 253 9.24 11.21 30.79
C ASP A 253 8.95 10.51 29.43
N LEU A 254 9.92 10.46 28.52
CA LEU A 254 9.73 9.87 27.19
C LEU A 254 9.08 8.50 27.30
N GLU A 255 9.58 7.68 28.19
CA GLU A 255 9.13 6.26 28.26
C GLU A 255 7.61 6.18 28.55
N GLN A 256 7.17 6.91 29.57
CA GLN A 256 5.77 6.85 30.00
C GLN A 256 4.88 7.53 28.95
N ILE A 257 5.37 8.61 28.34
CA ILE A 257 4.58 9.32 27.32
C ILE A 257 4.20 8.31 26.23
N VAL A 258 5.22 7.64 25.71
CA VAL A 258 4.98 6.68 24.60
C VAL A 258 4.06 5.52 25.05
N ASP A 259 4.30 4.99 26.27
CA ASP A 259 3.51 3.85 26.69
C ASP A 259 2.06 4.24 26.93
N ILE A 260 1.81 5.45 27.38
CA ILE A 260 0.43 5.89 27.58
C ILE A 260 -0.23 6.16 26.18
N MET A 261 0.58 6.63 25.26
CA MET A 261 0.11 7.02 23.92
C MET A 261 -0.46 5.81 23.15
N LEU A 262 0.18 4.64 23.22
CA LEU A 262 -0.10 3.59 22.26
C LEU A 262 -1.57 3.19 22.27
N PRO A 263 -2.12 2.84 23.45
CA PRO A 263 -3.51 2.44 23.42
C PRO A 263 -4.48 3.49 22.96
N LEU A 264 -4.14 4.76 23.10
CA LEU A 264 -4.97 5.82 22.59
C LEU A 264 -4.85 6.08 21.07
N ARG A 265 -3.83 5.53 20.42
CA ARG A 265 -3.51 5.78 19.01
C ARG A 265 -3.86 4.63 18.09
N ILE A 266 -3.68 3.41 18.57
CA ILE A 266 -3.66 2.26 17.67
C ILE A 266 -5.04 2.06 16.94
N ASN A 267 -6.11 2.43 17.60
CA ASN A 267 -7.46 2.52 16.99
C ASN A 267 -7.90 3.74 16.33
N MET A 268 -6.99 4.69 16.16
CA MET A 268 -7.22 5.96 15.53
C MET A 268 -8.15 6.83 16.29
N ALA A 269 -8.33 6.61 17.59
CA ALA A 269 -9.15 7.39 18.46
C ALA A 269 -8.83 6.98 19.88
N PRO A 270 -8.79 7.93 20.78
CA PRO A 270 -9.03 9.34 20.56
C PRO A 270 -7.94 10.12 19.82
N LEU A 271 -6.75 9.55 19.65
CA LEU A 271 -5.69 10.19 18.83
C LEU A 271 -5.93 9.93 17.37
N GLN A 272 -6.73 10.80 16.78
CA GLN A 272 -7.17 10.73 15.36
C GLN A 272 -6.13 11.14 14.35
N ASN A 273 -5.36 12.16 14.70
CA ASN A 273 -4.29 12.62 13.79
C ASN A 273 -3.00 11.92 14.05
N VAL A 274 -1.97 12.35 13.34
CA VAL A 274 -0.62 11.84 13.54
C VAL A 274 0.00 12.72 14.65
N PRO A 275 0.06 12.22 15.88
CA PRO A 275 0.71 13.04 16.90
C PRO A 275 2.20 13.22 16.65
N VAL A 276 2.74 14.31 17.12
CA VAL A 276 4.18 14.48 17.11
C VAL A 276 4.66 14.75 18.54
N LEU A 277 5.82 14.19 18.87
CA LEU A 277 6.42 14.42 20.17
C LEU A 277 7.81 15.04 19.88
N ARG A 278 7.93 16.32 20.24
CA ARG A 278 9.06 17.16 19.92
C ARG A 278 9.82 17.52 21.20
N ASN A 279 11.13 17.51 21.12
CA ASN A 279 11.92 17.89 22.31
C ASN A 279 12.12 19.40 22.32
N ILE A 280 12.66 19.88 23.44
CA ILE A 280 12.78 21.32 23.64
C ILE A 280 13.74 21.94 22.61
N PHE A 281 14.77 21.23 22.14
CA PHE A 281 15.64 21.74 21.07
C PHE A 281 14.89 21.96 19.80
N MET A 282 13.97 21.08 19.47
CA MET A 282 13.17 21.27 18.27
C MET A 282 12.29 22.54 18.42
N ASP A 283 11.55 22.64 19.52
CA ASP A 283 10.67 23.78 19.70
C ASP A 283 11.38 25.11 19.90
N ALA A 284 12.47 25.09 20.68
CA ALA A 284 13.25 26.33 20.82
C ALA A 284 13.83 26.82 19.52
N ALA A 285 14.40 25.94 18.71
CA ALA A 285 14.98 26.31 17.38
C ALA A 285 13.92 26.91 16.49
N ALA A 286 12.65 26.53 16.70
CA ALA A 286 11.61 27.06 15.86
C ALA A 286 11.29 28.52 16.17
N VAL A 287 11.66 28.99 17.37
CA VAL A 287 11.25 30.29 17.85
C VAL A 287 12.38 31.17 18.41
N SER A 288 13.61 30.70 18.34
CA SER A 288 14.76 31.35 18.97
C SER A 288 16.08 30.90 18.43
N LYS A 289 17.14 31.69 18.70
CA LYS A 289 18.52 31.34 18.33
C LYS A 289 19.29 30.73 19.49
N ARG A 290 20.25 29.86 19.19
CA ARG A 290 20.94 29.15 20.23
C ARG A 290 21.60 30.16 21.23
N THR A 291 22.10 31.26 20.67
CA THR A 291 22.81 32.27 21.50
C THR A 291 21.90 32.99 22.48
N GLU A 292 20.58 32.89 22.34
CA GLU A 292 19.71 33.34 23.40
C GLU A 292 19.84 32.57 24.71
N TRP A 293 20.25 31.33 24.66
CA TRP A 293 20.33 30.46 25.80
C TRP A 293 21.73 30.12 26.19
N PHE A 294 22.67 30.10 25.25
CA PHE A 294 24.02 29.63 25.57
C PHE A 294 24.93 30.14 24.49
N ASP A 295 26.05 30.77 24.87
CA ASP A 295 27.06 31.12 23.88
C ASP A 295 28.48 30.59 24.22
N GLY A 296 28.56 29.54 25.03
CA GLY A 296 29.83 28.91 25.35
C GLY A 296 30.08 27.87 24.30
N ASP A 297 31.01 26.96 24.60
CA ASP A 297 31.45 25.89 23.69
C ASP A 297 30.83 24.60 24.17
N GLY A 298 30.63 23.70 23.20
CA GLY A 298 30.15 22.35 23.50
C GLY A 298 28.64 22.35 23.68
N PRO A 299 28.11 21.23 24.22
CA PRO A 299 26.69 21.02 24.40
C PRO A 299 26.10 21.94 25.41
N MET A 300 24.85 22.24 25.20
CA MET A 300 24.19 23.21 26.03
C MET A 300 24.10 22.58 27.43
N PRO A 301 24.51 23.33 28.49
CA PRO A 301 24.38 22.82 29.87
C PRO A 301 22.95 22.71 30.33
N ALA A 302 22.72 21.85 31.32
CA ALA A 302 21.42 21.70 31.99
C ALA A 302 20.71 23.00 32.37
N GLU A 303 21.47 23.98 32.85
CA GLU A 303 20.89 25.23 33.37
C GLU A 303 20.32 26.02 32.22
N ALA A 304 21.04 26.05 31.10
CA ALA A 304 20.57 26.67 29.86
C ALA A 304 19.33 25.94 29.30
N ILE A 305 19.26 24.62 29.42
CA ILE A 305 18.05 23.88 29.00
C ILE A 305 16.86 24.28 29.82
N GLU A 306 17.09 24.36 31.12
CA GLU A 306 16.04 24.87 32.02
C GLU A 306 15.59 26.28 31.67
N ARG A 307 16.48 27.21 31.26
CA ARG A 307 16.03 28.54 30.85
C ARG A 307 15.15 28.54 29.57
N MET A 308 15.46 27.68 28.58
CA MET A 308 14.61 27.54 27.39
C MET A 308 13.25 27.13 27.82
N LYS A 309 13.20 26.12 28.68
CA LYS A 309 11.91 25.59 29.15
C LYS A 309 11.09 26.61 29.87
N LYS A 310 11.72 27.32 30.80
CA LYS A 310 10.99 28.34 31.55
C LYS A 310 10.57 29.52 30.74
N ASP A 311 11.49 30.08 29.95
CA ASP A 311 11.14 31.28 29.15
C ASP A 311 10.04 30.98 28.11
N LEU A 312 10.12 29.80 27.47
CA LEU A 312 9.12 29.46 26.46
C LEU A 312 7.87 28.84 27.01
N ASP A 313 7.87 28.47 28.31
CA ASP A 313 6.79 27.77 29.01
C ASP A 313 6.51 26.41 28.29
N LEU A 314 7.58 25.69 28.03
CA LEU A 314 7.50 24.36 27.35
C LEU A 314 8.21 23.33 28.19
N GLY A 315 7.95 22.09 27.87
CA GLY A 315 8.58 20.96 28.58
C GLY A 315 9.84 20.54 27.87
N PHE A 316 10.53 19.56 28.43
CA PHE A 316 11.60 18.91 27.66
C PHE A 316 10.96 18.16 26.46
N TRP A 317 9.80 17.55 26.69
CA TRP A 317 9.06 16.84 25.63
C TRP A 317 7.71 17.54 25.44
N ASN A 318 7.32 17.77 24.19
CA ASN A 318 6.12 18.51 23.91
C ASN A 318 5.30 17.76 22.89
N PHE A 319 4.10 17.33 23.27
CA PHE A 319 3.24 16.43 22.45
C PHE A 319 2.18 17.29 21.79
N TYR A 320 2.07 17.19 20.45
CA TYR A 320 1.12 17.98 19.75
C TYR A 320 0.20 17.08 18.99
N GLY A 321 -1.08 17.30 19.14
CA GLY A 321 -2.09 16.56 18.41
C GLY A 321 -3.26 17.43 17.98
N THR A 322 -4.10 16.86 17.12
CA THR A 322 -5.33 17.48 16.63
C THR A 322 -6.50 16.51 16.66
N LEU A 323 -7.69 17.03 16.97
CA LEU A 323 -8.94 16.25 17.00
C LEU A 323 -9.91 16.84 16.01
N TYR A 324 -10.81 16.01 15.43
CA TYR A 324 -11.64 16.43 14.35
C TYR A 324 -13.05 15.88 14.60
N GLY A 325 -14.05 16.56 14.13
CA GLY A 325 -15.41 16.02 14.10
C GLY A 325 -16.35 17.04 14.72
N PRO A 326 -17.62 16.59 14.91
CA PRO A 326 -18.58 17.33 15.68
C PRO A 326 -18.00 17.77 17.02
N PRO A 327 -18.37 18.98 17.48
CA PRO A 327 -17.86 19.42 18.77
C PRO A 327 -17.95 18.45 19.95
N PRO A 328 -19.07 17.75 20.14
CA PRO A 328 -19.09 16.84 21.29
C PRO A 328 -18.11 15.63 21.20
N LEU A 329 -17.81 15.19 19.97
CA LEU A 329 -16.80 14.15 19.76
C LEU A 329 -15.40 14.64 20.14
N ILE A 330 -15.10 15.87 19.76
CA ILE A 330 -13.85 16.52 20.10
C ILE A 330 -13.72 16.53 21.62
N GLU A 331 -14.74 17.03 22.31
CA GLU A 331 -14.66 17.18 23.80
C GLU A 331 -14.52 15.88 24.48
N MET A 332 -15.20 14.84 23.99
CA MET A 332 -15.11 13.50 24.56
C MET A 332 -13.66 12.95 24.42
N TYR A 333 -13.11 13.08 23.21
CA TYR A 333 -11.75 12.67 22.96
C TYR A 333 -10.71 13.43 23.72
N TYR A 334 -10.86 14.75 23.81
CA TYR A 334 -9.90 15.55 24.52
C TYR A 334 -9.89 15.15 26.02
N GLY A 335 -11.08 14.87 26.54
CA GLY A 335 -11.21 14.46 27.97
C GLY A 335 -10.48 13.18 28.21
N MET A 336 -10.53 12.24 27.28
CA MET A 336 -9.82 10.99 27.39
C MET A 336 -8.32 11.17 27.37
N ILE A 337 -7.86 12.08 26.50
CA ILE A 337 -6.42 12.35 26.35
C ILE A 337 -5.89 12.98 27.65
N LYS A 338 -6.64 13.94 28.22
CA LYS A 338 -6.24 14.55 29.49
C LYS A 338 -6.13 13.57 30.61
N GLU A 339 -7.09 12.70 30.70
CA GLU A 339 -7.11 11.71 31.78
C GLU A 339 -5.93 10.74 31.73
N ALA A 340 -5.55 10.36 30.51
CA ALA A 340 -4.47 9.43 30.32
C ALA A 340 -3.14 10.03 30.57
N PHE A 341 -2.81 11.12 29.85
CA PHE A 341 -1.51 11.68 29.93
C PHE A 341 -1.35 12.46 31.26
N GLY A 342 -2.47 12.81 31.87
CA GLY A 342 -2.45 13.47 33.20
C GLY A 342 -1.86 12.57 34.31
N LYS A 343 -1.64 11.28 34.07
CA LYS A 343 -0.89 10.45 35.03
C LYS A 343 0.57 10.86 35.22
N ILE A 344 1.16 11.52 34.20
CA ILE A 344 2.55 11.83 34.26
C ILE A 344 2.78 13.08 35.07
N PRO A 345 3.51 12.95 36.20
CA PRO A 345 3.67 14.12 37.02
C PRO A 345 4.27 15.28 36.22
N GLY A 346 3.72 16.45 36.40
CA GLY A 346 4.20 17.65 35.74
C GLY A 346 3.59 17.93 34.34
N ALA A 347 2.75 17.04 33.84
CA ALA A 347 2.10 17.25 32.52
C ALA A 347 1.19 18.45 32.56
N ARG A 348 1.22 19.31 31.54
CA ARG A 348 0.35 20.45 31.44
C ARG A 348 -0.26 20.45 30.05
N PHE A 349 -1.53 20.82 29.96
CA PHE A 349 -2.32 20.84 28.70
C PHE A 349 -2.72 22.22 28.23
N PHE A 350 -2.67 22.47 26.91
CA PHE A 350 -3.00 23.72 26.33
C PHE A 350 -3.69 23.42 25.01
N THR A 351 -4.87 23.95 24.79
CA THR A 351 -5.46 23.90 23.43
C THR A 351 -4.97 25.07 22.56
N HIS A 352 -5.29 25.04 21.26
CA HIS A 352 -4.94 26.14 20.38
C HIS A 352 -5.67 27.42 20.73
N GLU A 353 -6.79 27.34 21.47
CA GLU A 353 -7.49 28.57 21.91
C GLU A 353 -6.85 29.20 23.11
N GLU A 354 -5.93 28.52 23.80
CA GLU A 354 -5.50 28.92 25.12
C GLU A 354 -4.12 29.61 25.17
N ARG A 355 -3.26 29.44 24.17
CA ARG A 355 -1.93 30.03 24.25
C ARG A 355 -1.64 30.97 23.09
N ASP A 356 -1.23 32.20 23.33
CA ASP A 356 -0.90 33.17 22.22
C ASP A 356 0.54 33.69 22.25
N ASP A 357 1.41 33.01 23.00
CA ASP A 357 2.69 33.52 23.41
C ASP A 357 3.75 32.93 22.46
N ARG A 358 5.01 33.34 22.65
CA ARG A 358 6.08 32.88 21.79
C ARG A 358 6.24 31.36 21.79
N GLY A 359 6.22 30.73 22.96
CA GLY A 359 6.41 29.33 23.04
C GLY A 359 5.28 28.56 22.39
N GLY A 360 4.12 29.17 22.36
CA GLY A 360 2.91 28.68 21.69
C GLY A 360 2.88 28.80 20.16
N HIS A 361 3.90 29.44 19.58
CA HIS A 361 4.00 29.59 18.13
C HIS A 361 4.00 28.17 17.43
N VAL A 362 4.62 27.19 18.07
CA VAL A 362 4.76 25.86 17.44
C VAL A 362 3.34 25.22 17.41
N LEU A 363 2.65 25.29 18.51
CA LEU A 363 1.23 24.79 18.57
C LEU A 363 0.38 25.44 17.49
N GLN A 364 0.51 26.77 17.30
CA GLN A 364 -0.25 27.43 16.23
C GLN A 364 0.13 26.94 14.84
N ASP A 365 1.44 26.68 14.62
CA ASP A 365 1.92 26.11 13.34
C ASP A 365 1.35 24.69 13.14
N ARG A 366 1.36 23.90 14.21
CA ARG A 366 0.82 22.54 14.08
C ARG A 366 -0.68 22.58 13.81
N HIS A 367 -1.42 23.53 14.39
CA HIS A 367 -2.84 23.69 14.12
C HIS A 367 -3.15 24.01 12.64
N LYS A 368 -2.27 24.68 11.94
CA LYS A 368 -2.38 24.90 10.52
C LYS A 368 -2.07 23.61 9.77
N ILE A 369 -0.88 23.08 9.99
CA ILE A 369 -0.41 21.91 9.32
C ILE A 369 -1.41 20.72 9.49
N ASN A 370 -1.89 20.48 10.71
CA ASN A 370 -2.79 19.38 10.97
C ASN A 370 -4.19 19.61 10.39
N ASN A 371 -4.49 20.81 9.89
CA ASN A 371 -5.72 21.11 9.21
C ASN A 371 -5.46 21.36 7.69
N GLY A 372 -4.31 20.90 7.19
CA GLY A 372 -4.04 20.98 5.77
C GLY A 372 -3.78 22.37 5.26
N ILE A 373 -3.33 23.29 6.15
CA ILE A 373 -2.99 24.64 5.80
C ILE A 373 -1.47 24.73 5.77
N PRO A 374 -0.87 24.77 4.61
CA PRO A 374 0.58 24.72 4.55
C PRO A 374 1.24 25.98 5.08
N SER A 375 2.46 25.79 5.49
CA SER A 375 3.21 26.82 6.16
C SER A 375 4.71 26.73 5.87
N LEU A 376 5.41 27.87 6.00
CA LEU A 376 6.89 27.87 5.96
C LEU A 376 7.48 28.39 7.27
N ASP A 377 6.69 28.39 8.34
CA ASP A 377 7.16 28.92 9.62
C ASP A 377 8.31 28.16 10.17
N GLU A 378 8.33 26.86 9.93
CA GLU A 378 9.41 26.03 10.44
C GLU A 378 10.77 26.27 9.81
N LEU A 379 10.85 27.05 8.74
CA LEU A 379 12.15 27.52 8.21
C LEU A 379 12.92 28.29 9.27
N GLN A 380 12.24 28.82 10.29
CA GLN A 380 12.94 29.51 11.34
C GLN A 380 13.92 28.63 12.11
N LEU A 381 13.70 27.32 12.10
CA LEU A 381 14.56 26.38 12.75
C LEU A 381 16.01 26.55 12.30
N LEU A 382 16.21 26.89 11.06
CA LEU A 382 17.55 26.98 10.44
C LEU A 382 18.25 28.24 10.90
N ASP A 383 17.56 29.13 11.60
CA ASP A 383 18.23 30.29 12.23
C ASP A 383 18.80 29.94 13.57
N TRP A 384 18.72 28.70 14.03
CA TRP A 384 19.21 28.36 15.36
C TRP A 384 20.74 28.67 15.52
N VAL A 385 21.52 28.46 14.47
CA VAL A 385 22.98 28.76 14.44
C VAL A 385 23.27 29.45 13.10
N PRO A 386 24.41 30.12 12.94
CA PRO A 386 24.62 30.77 11.66
C PRO A 386 24.81 29.79 10.49
N ASN A 387 24.43 30.22 9.31
CA ASN A 387 24.53 29.36 8.11
C ASN A 387 23.84 28.00 8.40
N GLY A 388 22.71 28.01 9.09
CA GLY A 388 22.13 26.80 9.62
C GLY A 388 21.64 25.86 8.55
N GLY A 389 21.87 24.57 8.84
CA GLY A 389 21.40 23.49 7.94
C GLY A 389 20.99 22.38 8.87
N HIS A 390 20.30 21.35 8.33
CA HIS A 390 20.06 20.16 9.07
C HIS A 390 20.24 18.94 8.19
N ILE A 391 20.41 17.80 8.85
CA ILE A 391 20.35 16.51 8.24
C ILE A 391 19.39 15.72 9.04
N GLY A 392 18.65 14.87 8.35
CA GLY A 392 17.67 14.01 8.98
C GLY A 392 18.20 12.60 9.20
N PHE A 393 18.41 12.22 10.44
CA PHE A 393 18.66 10.84 10.81
C PHE A 393 17.33 10.30 11.34
N SER A 394 16.78 9.30 10.65
CA SER A 394 15.33 8.99 10.80
C SER A 394 15.06 7.52 11.01
N PRO A 395 15.51 6.97 12.15
CA PRO A 395 15.16 5.59 12.52
C PRO A 395 13.65 5.42 12.77
N VAL A 396 13.21 4.20 12.50
CA VAL A 396 11.92 3.69 12.88
C VAL A 396 11.96 3.19 14.33
N SER A 397 10.94 3.48 15.11
CA SER A 397 10.82 2.99 16.48
C SER A 397 9.49 2.26 16.61
N ALA A 398 9.51 1.16 17.38
CA ALA A 398 8.24 0.67 17.90
C ALA A 398 7.60 1.74 18.83
N PRO A 399 6.28 1.74 18.94
CA PRO A 399 5.59 2.64 19.79
C PRO A 399 5.63 2.03 21.26
N ASP A 400 6.85 2.05 21.75
CA ASP A 400 7.24 1.51 23.01
C ASP A 400 8.22 2.46 23.68
N GLY A 401 7.97 2.76 24.95
CA GLY A 401 8.71 3.78 25.67
C GLY A 401 10.12 3.40 25.95
N ARG A 402 10.34 2.15 26.28
CA ARG A 402 11.71 1.66 26.48
C ARG A 402 12.54 1.77 25.21
N GLU A 403 11.97 1.36 24.05
CA GLU A 403 12.63 1.51 22.80
C GLU A 403 12.95 2.97 22.39
N ALA A 404 11.94 3.80 22.55
CA ALA A 404 12.08 5.23 22.24
C ALA A 404 13.17 5.83 23.12
N MET A 405 13.14 5.51 24.41
CA MET A 405 14.19 5.97 25.34
C MET A 405 15.57 5.52 25.00
N LYS A 406 15.69 4.26 24.61
CA LYS A 406 16.94 3.75 24.16
C LYS A 406 17.46 4.47 22.96
N GLN A 407 16.57 4.72 21.98
CA GLN A 407 16.97 5.44 20.80
C GLN A 407 17.41 6.89 21.09
N PHE A 408 16.65 7.57 21.92
CA PHE A 408 16.91 8.90 22.35
C PHE A 408 18.30 8.98 23.03
N GLU A 409 18.50 8.04 23.96
CA GLU A 409 19.80 8.06 24.74
C GLU A 409 20.96 7.81 23.81
N MET A 410 20.80 6.87 22.89
CA MET A 410 21.83 6.52 21.92
C MET A 410 22.22 7.68 21.05
N VAL A 411 21.21 8.37 20.50
CA VAL A 411 21.47 9.50 19.65
C VAL A 411 22.04 10.67 20.46
N ARG A 412 21.43 10.96 21.60
CA ARG A 412 21.96 12.03 22.44
C ARG A 412 23.45 11.84 22.83
N ASN A 413 23.83 10.63 23.22
CA ASN A 413 25.24 10.33 23.55
C ASN A 413 26.16 10.72 22.43
N ARG A 414 25.89 10.30 21.19
CA ARG A 414 26.70 10.72 20.04
C ARG A 414 26.59 12.19 19.68
N ALA A 415 25.41 12.76 19.80
CA ALA A 415 25.25 14.19 19.47
C ALA A 415 26.20 15.04 20.39
N ASN A 416 26.16 14.74 21.66
CA ASN A 416 27.02 15.41 22.67
C ASN A 416 28.51 15.14 22.31
N GLU A 417 28.89 13.88 22.12
CA GLU A 417 30.23 13.53 21.69
C GLU A 417 30.72 14.28 20.43
N TYR A 418 29.88 14.52 19.43
CA TYR A 418 30.29 15.26 18.24
C TYR A 418 29.92 16.74 18.26
N ASN A 419 29.49 17.21 19.41
CA ASN A 419 28.98 18.54 19.63
C ASN A 419 27.97 19.09 18.59
N LYS A 420 26.88 18.35 18.43
CA LYS A 420 25.78 18.80 17.55
C LYS A 420 24.51 18.77 18.36
N ASP A 421 23.65 19.78 18.23
CA ASP A 421 22.40 19.73 18.94
C ASP A 421 21.45 18.73 18.22
N TYR A 422 20.77 17.99 19.04
CA TYR A 422 19.84 16.93 18.59
C TYR A 422 18.45 17.41 18.92
N ALA A 423 17.76 17.75 17.88
CA ALA A 423 16.34 18.12 17.94
C ALA A 423 15.55 16.86 17.50
N ALA A 424 14.51 16.49 18.23
CA ALA A 424 13.83 15.20 18.01
C ALA A 424 12.39 15.50 17.68
N GLN A 425 11.85 14.75 16.71
CA GLN A 425 10.37 14.75 16.44
C GLN A 425 9.94 13.34 16.15
N PHE A 426 9.25 12.71 17.10
CA PHE A 426 8.62 11.42 16.87
C PHE A 426 7.34 11.68 16.10
N ILE A 427 7.16 11.01 14.96
CA ILE A 427 5.94 11.09 14.17
C ILE A 427 5.22 9.82 14.35
N ILE A 428 4.03 9.86 14.96
CA ILE A 428 3.43 8.66 15.55
C ILE A 428 2.30 8.06 14.70
N GLY A 429 2.60 6.96 14.01
CA GLY A 429 1.61 6.14 13.28
C GLY A 429 0.88 5.23 14.21
N LEU A 430 0.11 4.29 13.65
CA LEU A 430 -0.72 3.42 14.46
C LEU A 430 0.14 2.44 15.23
N ARG A 431 1.16 1.89 14.57
CA ARG A 431 1.95 0.81 15.13
C ARG A 431 3.44 1.07 15.09
N GLU A 432 3.84 2.30 14.81
CA GLU A 432 5.24 2.64 14.64
C GLU A 432 5.39 4.13 14.80
N MET A 433 6.65 4.56 15.05
CA MET A 433 6.97 5.97 15.04
C MET A 433 8.12 6.17 14.12
N HIS A 434 8.08 7.26 13.31
CA HIS A 434 9.27 7.72 12.64
C HIS A 434 9.97 8.66 13.65
N HIS A 435 11.17 8.26 14.10
CA HIS A 435 11.91 9.12 15.06
C HIS A 435 12.88 10.00 14.32
N VAL A 436 12.42 11.20 14.01
CA VAL A 436 13.21 12.07 13.20
C VAL A 436 14.16 12.86 14.10
N CYS A 437 15.46 12.71 13.83
CA CYS A 437 16.49 13.38 14.57
C CYS A 437 17.07 14.38 13.58
N LEU A 438 16.88 15.67 13.85
CA LEU A 438 17.46 16.69 13.04
C LEU A 438 18.67 17.21 13.80
N PHE A 439 19.80 17.12 13.17
CA PHE A 439 21.00 17.82 13.70
C PHE A 439 21.17 19.13 12.96
N ILE A 440 21.15 20.23 13.70
CA ILE A 440 21.24 21.49 13.13
C ILE A 440 22.67 21.98 13.35
N TYR A 441 23.23 22.54 12.33
CA TYR A 441 24.72 22.81 12.26
C TYR A 441 25.06 23.92 11.32
N ASP A 442 26.29 24.42 11.46
CA ASP A 442 26.73 25.55 10.61
C ASP A 442 27.32 25.03 9.34
N THR A 443 26.62 25.26 8.22
CA THR A 443 26.97 24.62 6.99
C THR A 443 28.27 25.16 6.36
N ALA A 444 28.71 26.31 6.86
CA ALA A 444 29.88 26.99 6.23
C ALA A 444 31.17 26.31 6.67
N ILE A 445 31.17 25.63 7.82
CA ILE A 445 32.39 25.15 8.48
C ILE A 445 32.71 23.68 8.13
N PRO A 446 33.80 23.44 7.37
CA PRO A 446 34.19 22.09 6.97
C PRO A 446 34.18 21.06 8.06
N GLU A 447 34.74 21.36 9.23
CA GLU A 447 34.68 20.44 10.33
C GLU A 447 33.29 20.11 10.89
N ALA A 448 32.40 21.10 10.92
CA ALA A 448 30.99 20.87 11.29
C ALA A 448 30.37 19.87 10.31
N ARG A 449 30.59 20.07 9.02
CA ARG A 449 29.96 19.22 7.99
C ARG A 449 30.53 17.82 8.09
N GLU A 450 31.84 17.70 8.40
CA GLU A 450 32.44 16.39 8.50
C GLU A 450 32.04 15.71 9.78
N GLU A 451 31.92 16.41 10.88
CA GLU A 451 31.45 15.80 12.14
C GLU A 451 30.00 15.23 11.93
N ILE A 452 29.20 16.00 11.21
CA ILE A 452 27.83 15.58 10.82
C ILE A 452 27.90 14.27 10.07
N LEU A 453 28.74 14.21 9.04
CA LEU A 453 28.88 13.00 8.27
C LEU A 453 29.33 11.82 9.15
N GLN A 454 30.38 12.04 9.94
CA GLN A 454 30.93 10.94 10.72
C GLN A 454 30.03 10.52 11.87
N MET A 455 29.35 11.48 12.50
CA MET A 455 28.41 11.21 13.60
C MET A 455 27.24 10.34 13.04
N THR A 456 26.71 10.77 11.90
CA THR A 456 25.55 10.07 11.35
C THR A 456 25.96 8.69 10.81
N LYS A 457 27.20 8.52 10.31
CA LYS A 457 27.63 7.18 9.89
C LYS A 457 27.70 6.24 11.12
N VAL A 458 28.21 6.76 12.26
CA VAL A 458 28.27 6.05 13.50
C VAL A 458 26.85 5.67 13.95
N LEU A 459 25.93 6.61 13.92
CA LEU A 459 24.56 6.37 14.34
C LEU A 459 23.82 5.35 13.47
N VAL A 460 24.02 5.39 12.17
CA VAL A 460 23.46 4.34 11.28
C VAL A 460 23.89 2.95 11.72
N ARG A 461 25.20 2.82 11.97
CA ARG A 461 25.74 1.52 12.33
C ARG A 461 25.28 1.05 13.72
N GLU A 462 25.35 1.94 14.71
CA GLU A 462 25.01 1.64 16.07
C GLU A 462 23.51 1.37 16.20
N ALA A 463 22.72 2.15 15.48
CA ALA A 463 21.29 1.85 15.45
C ALA A 463 21.03 0.46 14.91
N ALA A 464 21.67 0.13 13.82
CA ALA A 464 21.48 -1.17 13.19
C ALA A 464 21.96 -2.32 14.10
N GLU A 465 23.05 -2.10 14.82
CA GLU A 465 23.49 -3.09 15.84
C GLU A 465 22.46 -3.31 16.93
N ALA A 466 21.62 -2.30 17.19
CA ALA A 466 20.52 -2.45 18.15
C ALA A 466 19.18 -2.90 17.54
N GLY A 467 19.20 -3.16 16.25
CA GLY A 467 18.03 -3.66 15.55
C GLY A 467 17.13 -2.56 14.97
N TYR A 468 17.68 -1.37 14.78
CA TYR A 468 16.89 -0.23 14.30
C TYR A 468 17.35 0.16 12.92
N GLY A 469 16.39 0.42 12.01
CA GLY A 469 16.72 0.95 10.66
C GLY A 469 16.04 2.27 10.32
N GLU A 470 16.56 2.95 9.30
CA GLU A 470 16.06 4.28 8.88
C GLU A 470 14.96 4.14 7.82
N TYR A 471 13.97 5.01 7.88
CA TYR A 471 12.86 4.99 6.86
C TYR A 471 13.27 5.73 5.56
N ARG A 472 14.25 6.64 5.67
CA ARG A 472 14.57 7.59 4.63
C ARG A 472 15.94 8.17 5.07
N THR A 473 16.74 8.53 4.07
CA THR A 473 18.01 9.12 4.40
C THR A 473 18.61 10.02 3.36
N HIS A 474 19.72 10.63 3.77
CA HIS A 474 20.46 11.59 2.91
C HIS A 474 21.37 10.89 1.90
N ASN A 475 21.58 11.50 0.74
CA ASN A 475 22.50 11.03 -0.28
C ASN A 475 23.76 10.42 0.34
N ALA A 476 24.34 11.14 1.31
CA ALA A 476 25.65 10.71 1.90
C ALA A 476 25.58 9.42 2.71
N LEU A 477 24.39 9.01 3.10
CA LEU A 477 24.18 7.87 3.95
C LEU A 477 23.44 6.70 3.25
N MET A 478 23.07 6.88 2.00
CA MET A 478 22.24 5.90 1.32
C MET A 478 22.93 4.51 1.26
N ASP A 479 24.20 4.49 0.91
CA ASP A 479 24.95 3.22 0.86
C ASP A 479 25.02 2.60 2.26
N ASP A 480 25.36 3.38 3.28
CA ASP A 480 25.43 2.86 4.62
C ASP A 480 24.09 2.33 5.13
N VAL A 481 22.98 3.06 4.83
CA VAL A 481 21.68 2.60 5.31
C VAL A 481 21.28 1.33 4.53
N MET A 482 21.45 1.28 3.22
CA MET A 482 21.06 0.10 2.48
C MET A 482 21.87 -1.10 2.98
N ALA A 483 23.13 -0.88 3.32
CA ALA A 483 23.97 -1.95 3.89
C ALA A 483 23.46 -2.54 5.24
N THR A 484 22.64 -1.81 5.99
CA THR A 484 22.02 -2.36 7.15
C THR A 484 20.90 -3.30 6.90
N PHE A 485 20.29 -3.23 5.71
CA PHE A 485 19.13 -4.06 5.45
C PHE A 485 19.58 -5.35 4.76
N ASN A 486 20.51 -6.04 5.42
CA ASN A 486 21.23 -7.09 4.77
C ASN A 486 20.90 -8.50 5.33
N TRP A 487 19.70 -8.68 5.83
CA TRP A 487 19.13 -9.98 6.08
C TRP A 487 19.36 -10.91 4.94
N GLY A 488 19.75 -12.16 5.30
CA GLY A 488 19.92 -13.17 4.25
C GLY A 488 21.01 -12.86 3.30
N ASP A 489 22.13 -12.37 3.84
CA ASP A 489 23.29 -12.07 2.98
C ASP A 489 23.08 -11.01 1.92
N GLY A 490 22.36 -9.96 2.29
CA GLY A 490 22.07 -8.86 1.39
C GLY A 490 21.09 -9.17 0.28
N ALA A 491 20.09 -9.98 0.61
CA ALA A 491 19.10 -10.42 -0.36
C ALA A 491 18.27 -9.29 -0.98
N LEU A 492 17.94 -8.32 -0.13
CA LEU A 492 17.07 -7.25 -0.58
C LEU A 492 17.76 -6.41 -1.66
N LEU A 493 19.02 -6.05 -1.37
CA LEU A 493 19.75 -5.26 -2.36
C LEU A 493 19.98 -6.01 -3.63
N LYS A 494 20.29 -7.31 -3.51
CA LYS A 494 20.51 -8.07 -4.76
C LYS A 494 19.30 -8.07 -5.65
N PHE A 495 18.16 -8.24 -5.03
CA PHE A 495 16.83 -8.17 -5.72
C PHE A 495 16.60 -6.83 -6.42
N HIS A 496 16.87 -5.77 -5.67
CA HIS A 496 16.77 -4.41 -6.28
C HIS A 496 17.69 -4.23 -7.46
N GLU A 497 18.93 -4.73 -7.35
CA GLU A 497 19.88 -4.56 -8.40
C GLU A 497 19.48 -5.34 -9.64
N LYS A 498 18.91 -6.54 -9.44
CA LYS A 498 18.43 -7.31 -10.61
C LYS A 498 17.35 -6.56 -11.38
N ILE A 499 16.44 -5.94 -10.66
CA ILE A 499 15.34 -5.22 -11.32
C ILE A 499 15.86 -3.97 -11.99
N LYS A 500 16.77 -3.29 -11.29
CA LYS A 500 17.43 -2.15 -11.81
C LYS A 500 18.08 -2.46 -13.10
N ASP A 501 18.89 -3.50 -13.12
CA ASP A 501 19.63 -3.75 -14.37
C ASP A 501 18.69 -4.19 -15.51
N ALA A 502 17.60 -4.87 -15.19
CA ALA A 502 16.65 -5.27 -16.18
C ALA A 502 15.90 -4.11 -16.82
N LEU A 503 15.51 -3.13 -16.02
CA LEU A 503 14.78 -2.01 -16.53
C LEU A 503 15.69 -0.87 -17.03
N ASP A 504 16.92 -0.81 -16.56
CA ASP A 504 17.86 0.26 -16.92
C ASP A 504 19.21 -0.29 -17.36
N PRO A 505 19.21 -0.98 -18.53
CA PRO A 505 20.42 -1.64 -19.03
C PRO A 505 21.61 -0.67 -19.22
N ASN A 506 21.32 0.60 -19.51
CA ASN A 506 22.37 1.53 -19.69
C ASN A 506 22.75 2.29 -18.40
N GLY A 507 22.03 2.04 -17.29
CA GLY A 507 22.48 2.62 -16.02
C GLY A 507 22.33 4.16 -16.01
N ILE A 508 21.16 4.61 -16.38
CA ILE A 508 20.88 6.05 -16.61
C ILE A 508 20.20 6.72 -15.41
N ILE A 509 19.18 6.11 -14.80
CA ILE A 509 18.37 6.87 -13.83
C ILE A 509 18.93 6.83 -12.43
N ALA A 510 19.18 8.03 -11.84
CA ALA A 510 19.63 8.28 -10.45
C ALA A 510 20.44 7.19 -9.85
N PRO A 511 21.61 6.95 -10.43
CA PRO A 511 22.40 5.85 -9.90
C PRO A 511 22.75 6.08 -8.48
N GLY A 512 22.63 5.04 -7.69
CA GLY A 512 22.94 5.12 -6.31
C GLY A 512 21.86 5.52 -5.38
N LYS A 513 20.70 5.97 -5.90
CA LYS A 513 19.54 6.19 -5.03
C LYS A 513 19.23 4.92 -4.20
N SER A 514 19.02 5.12 -2.92
CA SER A 514 18.78 4.06 -1.95
C SER A 514 19.87 2.98 -1.94
N GLY A 515 21.07 3.35 -2.34
CA GLY A 515 22.21 2.41 -2.43
C GLY A 515 22.15 1.44 -3.60
N ILE A 516 21.24 1.64 -4.55
CA ILE A 516 21.04 0.82 -5.72
C ILE A 516 21.79 1.39 -6.95
N TRP A 517 22.91 0.73 -7.28
CA TRP A 517 23.76 1.16 -8.36
C TRP A 517 23.61 0.17 -9.43
N SER A 518 23.45 0.67 -10.62
CA SER A 518 23.39 -0.22 -11.75
C SER A 518 24.80 -0.80 -12.03
N GLN A 519 24.78 -1.81 -12.86
CA GLN A 519 25.99 -2.63 -13.12
C GLN A 519 27.23 -1.83 -13.44
N ARG A 520 27.09 -0.80 -14.30
CA ARG A 520 28.29 -0.04 -14.70
C ARG A 520 28.96 0.77 -13.64
N PHE A 521 28.26 1.07 -12.55
CA PHE A 521 28.80 1.81 -11.45
C PHE A 521 29.13 0.99 -10.22
N ARG A 522 28.66 -0.25 -10.11
CA ARG A 522 28.89 -1.00 -8.88
C ARG A 522 30.38 -1.21 -8.54
N GLY A 523 30.73 -0.92 -7.29
CA GLY A 523 32.02 -1.15 -6.74
C GLY A 523 32.98 -0.01 -6.98
N GLN A 524 32.56 1.03 -7.70
CA GLN A 524 33.42 2.18 -8.00
C GLN A 524 33.50 3.23 -6.89
N ASN A 525 32.68 3.09 -5.87
CA ASN A 525 32.81 4.02 -4.69
C ASN A 525 32.67 5.49 -5.23
N LEU A 526 31.81 5.62 -6.26
CA LEU A 526 31.35 6.86 -6.93
C LEU A 526 31.92 7.08 -8.35
N THR B 2 -4.34 -39.97 -20.12
CA THR B 2 -2.87 -39.92 -20.28
C THR B 2 -2.16 -39.16 -19.15
N ARG B 3 -0.94 -39.56 -18.78
CA ARG B 3 -0.21 -38.97 -17.60
C ARG B 3 0.09 -37.46 -17.79
N THR B 4 -0.16 -36.63 -16.79
CA THR B 4 0.06 -35.17 -17.04
C THR B 4 1.50 -34.89 -16.78
N LEU B 5 2.15 -34.27 -17.75
CA LEU B 5 3.59 -34.00 -17.62
C LEU B 5 3.84 -32.53 -17.79
N PRO B 6 4.90 -32.02 -17.14
CA PRO B 6 5.29 -30.62 -17.42
C PRO B 6 5.67 -30.46 -18.88
N PRO B 7 5.44 -29.27 -19.46
CA PRO B 7 5.75 -29.07 -20.87
C PRO B 7 7.23 -29.33 -21.26
N GLY B 8 7.45 -30.05 -22.37
CA GLY B 8 8.81 -30.51 -22.77
C GLY B 8 9.64 -31.38 -21.84
N VAL B 9 9.02 -32.02 -20.84
CA VAL B 9 9.71 -32.85 -19.86
C VAL B 9 9.22 -34.30 -20.06
N SER B 10 10.18 -35.19 -20.32
CA SER B 10 9.86 -36.60 -20.55
C SER B 10 9.32 -37.29 -19.32
N ASP B 11 8.67 -38.45 -19.49
CA ASP B 11 8.30 -39.31 -18.35
C ASP B 11 9.50 -39.63 -17.44
N GLU B 12 10.67 -39.94 -18.02
CA GLU B 12 11.77 -40.37 -17.15
C GLU B 12 12.33 -39.14 -16.39
N ARG B 13 12.51 -38.00 -17.08
CA ARG B 13 13.01 -36.78 -16.45
C ARG B 13 12.07 -36.33 -15.35
N PHE B 14 10.75 -36.46 -15.56
CA PHE B 14 9.78 -36.17 -14.50
C PHE B 14 9.90 -37.11 -13.30
N ASP B 15 10.04 -38.42 -13.56
CA ASP B 15 10.21 -39.37 -12.47
C ASP B 15 11.45 -39.03 -11.66
N ALA B 16 12.50 -38.54 -12.33
CA ALA B 16 13.78 -38.24 -11.64
C ALA B 16 13.55 -37.01 -10.72
N ALA B 17 12.85 -36.00 -11.27
CA ALA B 17 12.51 -34.81 -10.52
C ALA B 17 11.71 -35.19 -9.28
N LEU B 18 10.70 -36.05 -9.45
CA LEU B 18 9.86 -36.43 -8.36
C LEU B 18 10.66 -37.02 -7.26
N GLN B 19 11.68 -37.79 -7.62
CA GLN B 19 12.50 -38.42 -6.62
C GLN B 19 13.27 -37.34 -5.86
N ARG B 20 13.78 -36.38 -6.60
CA ARG B 20 14.54 -35.28 -5.97
C ARG B 20 13.61 -34.52 -4.99
N PHE B 21 12.35 -34.35 -5.38
CA PHE B 21 11.40 -33.68 -4.49
C PHE B 21 11.14 -34.55 -3.30
N ARG B 22 10.96 -35.87 -3.49
CA ARG B 22 10.79 -36.71 -2.29
C ARG B 22 11.97 -36.66 -1.35
N ASP B 23 13.17 -36.53 -1.90
CA ASP B 23 14.35 -36.43 -1.04
C ASP B 23 14.26 -35.20 -0.11
N VAL B 24 13.67 -34.12 -0.61
CA VAL B 24 13.52 -32.85 0.17
C VAL B 24 12.41 -32.93 1.21
N VAL B 25 11.22 -33.29 0.77
CA VAL B 25 10.02 -33.15 1.58
C VAL B 25 9.56 -34.42 2.28
N GLY B 26 10.01 -35.57 1.76
CA GLY B 26 9.55 -36.86 2.25
C GLY B 26 8.56 -37.48 1.31
N ASP B 27 8.58 -38.81 1.28
CA ASP B 27 7.73 -39.56 0.34
C ASP B 27 6.28 -39.23 0.36
N LYS B 28 5.73 -39.15 1.58
CA LYS B 28 4.26 -38.98 1.82
C LYS B 28 3.80 -37.62 1.24
N TRP B 29 4.75 -36.71 1.12
CA TRP B 29 4.40 -35.28 0.84
C TRP B 29 4.58 -34.90 -0.61
N VAL B 30 4.77 -35.89 -1.49
CA VAL B 30 4.74 -35.68 -2.94
C VAL B 30 3.61 -36.54 -3.42
N LEU B 31 2.61 -35.96 -4.09
CA LEU B 31 1.51 -36.69 -4.75
C LEU B 31 1.68 -36.66 -6.25
N SER B 32 1.55 -37.80 -6.90
CA SER B 32 1.71 -37.85 -8.34
C SER B 32 0.84 -38.90 -9.09
N THR B 33 -0.11 -39.56 -8.42
CA THR B 33 -1.03 -40.45 -9.11
C THR B 33 -2.27 -39.75 -9.61
N ALA B 34 -2.79 -40.27 -10.73
CA ALA B 34 -4.04 -39.79 -11.29
C ALA B 34 -5.08 -39.50 -10.23
N ASP B 35 -5.33 -40.42 -9.31
CA ASP B 35 -6.45 -40.13 -8.41
C ASP B 35 -6.10 -39.31 -7.13
N GLU B 36 -4.84 -39.28 -6.71
CA GLU B 36 -4.43 -38.27 -5.72
C GLU B 36 -4.56 -36.84 -6.31
N LEU B 37 -4.31 -36.70 -7.62
CA LEU B 37 -4.38 -35.38 -8.29
C LEU B 37 -5.79 -34.95 -8.61
N GLU B 38 -6.75 -35.89 -8.66
CA GLU B 38 -8.18 -35.51 -8.90
C GLU B 38 -8.69 -34.49 -7.91
N ALA B 39 -8.25 -34.60 -6.67
CA ALA B 39 -8.65 -33.67 -5.63
C ALA B 39 -8.08 -32.21 -5.82
N PHE B 40 -7.14 -32.00 -6.75
CA PHE B 40 -6.50 -30.68 -7.01
C PHE B 40 -6.95 -30.05 -8.31
N ARG B 41 -7.88 -30.71 -8.98
CA ARG B 41 -8.53 -30.11 -10.13
C ARG B 41 -9.43 -28.99 -9.65
N ASP B 42 -9.67 -28.02 -10.52
CA ASP B 42 -10.58 -26.96 -10.20
C ASP B 42 -11.93 -27.55 -9.79
N PRO B 43 -12.45 -27.24 -8.58
CA PRO B 43 -13.78 -27.77 -8.21
C PRO B 43 -14.90 -27.17 -9.01
N TYR B 44 -14.70 -26.02 -9.66
CA TYR B 44 -15.74 -25.35 -10.42
C TYR B 44 -15.15 -25.16 -11.82
N PRO B 45 -15.02 -26.27 -12.58
CA PRO B 45 -14.35 -26.13 -13.89
C PRO B 45 -15.11 -25.29 -14.90
N VAL B 46 -14.32 -24.60 -15.70
CA VAL B 46 -14.79 -23.66 -16.66
C VAL B 46 -14.30 -24.15 -18.01
N GLY B 47 -15.20 -24.12 -19.00
CA GLY B 47 -14.95 -24.64 -20.34
C GLY B 47 -15.21 -26.12 -20.44
N ALA B 48 -15.68 -26.56 -21.62
CA ALA B 48 -15.91 -28.00 -21.83
C ALA B 48 -14.66 -28.84 -21.69
N ALA B 49 -13.56 -28.43 -22.31
CA ALA B 49 -12.36 -29.23 -22.37
C ALA B 49 -11.59 -29.23 -21.06
N GLU B 50 -10.85 -30.29 -20.79
CA GLU B 50 -10.06 -30.37 -19.57
C GLU B 50 -8.95 -29.27 -19.64
N ALA B 51 -8.66 -28.63 -18.53
CA ALA B 51 -7.64 -27.54 -18.50
C ALA B 51 -7.05 -27.49 -17.12
N ASN B 52 -5.89 -26.79 -16.95
CA ASN B 52 -5.38 -26.58 -15.61
C ASN B 52 -5.11 -27.87 -14.85
N LEU B 53 -4.43 -28.80 -15.51
CA LEU B 53 -4.05 -30.06 -14.90
C LEU B 53 -2.70 -30.02 -14.18
N PRO B 54 -2.68 -30.32 -12.90
CA PRO B 54 -1.42 -30.44 -12.22
C PRO B 54 -0.68 -31.75 -12.60
N SER B 55 0.64 -31.72 -12.63
CA SER B 55 1.46 -32.92 -12.77
C SER B 55 1.81 -33.59 -11.44
N ALA B 56 1.79 -32.83 -10.35
CA ALA B 56 2.13 -33.36 -8.99
C ALA B 56 1.80 -32.27 -7.99
N VAL B 57 1.80 -32.61 -6.71
CA VAL B 57 1.68 -31.66 -5.63
C VAL B 57 2.81 -31.98 -4.66
N VAL B 58 3.57 -30.95 -4.23
CA VAL B 58 4.65 -31.10 -3.30
C VAL B 58 4.29 -30.26 -2.06
N SER B 59 4.44 -30.85 -0.86
CA SER B 59 4.00 -30.24 0.40
C SER B 59 5.16 -30.02 1.34
N PRO B 60 5.84 -28.87 1.21
CA PRO B 60 7.02 -28.59 2.02
C PRO B 60 6.73 -28.22 3.45
N GLU B 61 7.65 -28.51 4.38
CA GLU B 61 7.42 -28.14 5.79
C GLU B 61 8.16 -26.90 6.27
N SER B 62 9.03 -26.37 5.44
CA SER B 62 9.84 -25.21 5.80
C SER B 62 10.24 -24.37 4.59
N THR B 63 10.65 -23.14 4.86
CA THR B 63 11.30 -22.31 3.84
C THR B 63 12.46 -22.98 3.19
N GLU B 64 13.29 -23.66 3.99
CA GLU B 64 14.49 -24.31 3.40
C GLU B 64 14.12 -25.36 2.34
N GLN B 65 13.08 -26.10 2.61
CA GLN B 65 12.55 -27.04 1.65
C GLN B 65 11.98 -26.37 0.45
N VAL B 66 11.29 -25.24 0.61
CA VAL B 66 10.78 -24.53 -0.56
C VAL B 66 11.94 -24.13 -1.44
N GLN B 67 13.03 -23.63 -0.83
CA GLN B 67 14.21 -23.22 -1.61
C GLN B 67 14.80 -24.38 -2.47
N ASP B 68 14.91 -25.53 -1.82
CA ASP B 68 15.45 -26.73 -2.51
C ASP B 68 14.52 -27.22 -3.63
N ILE B 69 13.19 -27.21 -3.39
CA ILE B 69 12.22 -27.55 -4.44
C ILE B 69 12.37 -26.61 -5.60
N VAL B 70 12.52 -25.32 -5.28
CA VAL B 70 12.75 -24.39 -6.37
C VAL B 70 14.02 -24.64 -7.13
N ARG B 71 15.13 -24.95 -6.45
CA ARG B 71 16.40 -25.28 -7.11
C ARG B 71 16.26 -26.50 -8.00
N ILE B 72 15.55 -27.51 -7.54
CA ILE B 72 15.30 -28.73 -8.36
C ILE B 72 14.51 -28.39 -9.64
N ALA B 73 13.43 -27.58 -9.48
CA ALA B 73 12.62 -27.18 -10.60
C ALA B 73 13.38 -26.44 -11.66
N ASN B 74 14.28 -25.55 -11.23
CA ASN B 74 15.11 -24.80 -12.15
C ASN B 74 16.03 -25.75 -12.96
N GLU B 75 16.63 -26.69 -12.26
CA GLU B 75 17.51 -27.71 -12.91
C GLU B 75 16.74 -28.49 -13.98
N TYR B 76 15.48 -28.81 -13.71
CA TYR B 76 14.68 -29.63 -14.61
C TYR B 76 13.77 -28.87 -15.52
N GLY B 77 13.63 -27.56 -15.31
CA GLY B 77 12.68 -26.83 -16.11
C GLY B 77 11.24 -27.10 -15.81
N ILE B 78 10.93 -27.48 -14.58
CA ILE B 78 9.58 -27.82 -14.24
C ILE B 78 8.85 -26.61 -13.60
N PRO B 79 7.70 -26.21 -14.17
CA PRO B 79 6.97 -25.12 -13.51
C PRO B 79 6.36 -25.47 -12.16
N LEU B 80 6.39 -24.49 -11.26
CA LEU B 80 5.87 -24.62 -9.91
C LEU B 80 4.77 -23.62 -9.71
N SER B 81 3.60 -24.04 -9.20
CA SER B 81 2.48 -23.17 -8.98
C SER B 81 2.18 -23.15 -7.51
N PRO B 82 2.60 -22.07 -6.79
CA PRO B 82 2.43 -22.05 -5.34
C PRO B 82 1.03 -21.74 -4.92
N VAL B 83 0.57 -22.36 -3.83
CA VAL B 83 -0.72 -22.04 -3.22
C VAL B 83 -0.51 -22.12 -1.72
N SER B 84 -1.46 -21.58 -0.96
CA SER B 84 -1.41 -21.61 0.45
C SER B 84 -2.31 -22.76 0.87
N THR B 85 -3.62 -22.51 1.00
CA THR B 85 -4.62 -23.56 1.22
C THR B 85 -5.26 -24.05 -0.06
N GLY B 86 -5.12 -23.31 -1.15
CA GLY B 86 -5.68 -23.79 -2.42
C GLY B 86 -7.21 -23.77 -2.52
N LYS B 87 -7.88 -22.79 -1.93
CA LYS B 87 -9.31 -22.67 -1.91
C LYS B 87 -9.77 -21.43 -2.68
N ASN B 88 -9.06 -21.09 -3.77
CA ASN B 88 -9.37 -19.91 -4.59
C ASN B 88 -10.53 -20.26 -5.57
N ASN B 89 -11.60 -20.69 -4.98
CA ASN B 89 -12.75 -21.20 -5.72
C ASN B 89 -13.53 -20.05 -6.30
N GLY B 90 -13.88 -20.19 -7.58
CA GLY B 90 -14.36 -19.11 -8.37
C GLY B 90 -13.30 -18.60 -9.32
N TYR B 91 -12.05 -18.82 -9.01
CA TYR B 91 -10.93 -18.36 -9.81
C TYR B 91 -9.97 -19.42 -10.21
N GLY B 92 -10.31 -20.69 -9.93
CA GLY B 92 -9.41 -21.77 -10.26
C GLY B 92 -9.17 -22.85 -9.21
N GLY B 93 -9.51 -22.55 -7.94
CA GLY B 93 -9.27 -23.46 -6.85
C GLY B 93 -7.77 -23.57 -6.65
N ALA B 94 -7.22 -24.79 -6.58
CA ALA B 94 -5.77 -24.94 -6.41
C ALA B 94 -5.13 -25.19 -7.76
N ALA B 95 -5.92 -25.19 -8.83
CA ALA B 95 -5.40 -25.66 -10.10
C ALA B 95 -4.47 -24.65 -10.75
N PRO B 96 -3.40 -25.15 -11.42
CA PRO B 96 -2.46 -24.19 -12.00
C PRO B 96 -2.97 -23.63 -13.30
N ARG B 97 -2.51 -22.42 -13.61
CA ARG B 97 -2.87 -21.84 -14.86
C ARG B 97 -2.32 -22.70 -15.99
N LEU B 98 -1.04 -23.07 -15.88
CA LEU B 98 -0.35 -23.83 -16.93
C LEU B 98 -0.46 -25.33 -16.64
N SER B 99 -1.19 -26.07 -17.50
CA SER B 99 -1.21 -27.53 -17.33
C SER B 99 0.16 -28.14 -17.33
N GLY B 100 0.36 -29.08 -16.42
CA GLY B 100 1.67 -29.73 -16.20
C GLY B 100 2.58 -29.16 -15.13
N SER B 101 2.13 -28.05 -14.52
CA SER B 101 2.87 -27.51 -13.40
C SER B 101 2.66 -28.38 -12.14
N VAL B 102 3.65 -28.32 -11.26
CA VAL B 102 3.62 -28.93 -9.96
C VAL B 102 3.05 -27.89 -9.01
N ILE B 103 2.01 -28.26 -8.29
CA ILE B 103 1.48 -27.44 -7.22
C ILE B 103 2.40 -27.50 -6.03
N VAL B 104 2.80 -26.34 -5.48
CA VAL B 104 3.54 -26.31 -4.23
C VAL B 104 2.54 -25.87 -3.21
N LYS B 105 2.05 -26.82 -2.39
CA LYS B 105 0.99 -26.56 -1.47
C LYS B 105 1.64 -26.20 -0.17
N THR B 106 1.90 -24.91 0.00
CA THR B 106 2.69 -24.48 1.13
C THR B 106 1.95 -24.71 2.44
N GLY B 107 0.66 -24.58 2.44
CA GLY B 107 -0.09 -24.54 3.63
C GLY B 107 -0.32 -25.87 4.31
N GLU B 108 -0.11 -26.96 3.59
CA GLU B 108 -0.36 -28.28 4.24
C GLU B 108 0.45 -28.41 5.51
N ARG B 109 1.75 -28.12 5.45
CA ARG B 109 2.59 -28.26 6.61
C ARG B 109 3.19 -26.96 7.13
N MET B 110 3.20 -25.90 6.31
CA MET B 110 3.61 -24.58 6.85
C MET B 110 2.36 -23.90 7.33
N ASN B 111 1.87 -24.31 8.48
CA ASN B 111 0.63 -23.85 9.00
C ASN B 111 0.70 -23.24 10.40
N ARG B 112 1.87 -22.77 10.79
CA ARG B 112 2.02 -22.21 12.12
C ARG B 112 1.67 -20.75 12.20
N ILE B 113 0.98 -20.44 13.29
CA ILE B 113 0.85 -19.10 13.82
C ILE B 113 2.13 -18.76 14.53
N LEU B 114 2.94 -17.93 13.89
CA LEU B 114 4.25 -17.63 14.41
C LEU B 114 4.22 -16.66 15.53
N GLU B 115 3.36 -15.63 15.45
CA GLU B 115 3.19 -14.67 16.51
C GLU B 115 1.85 -14.02 16.40
N VAL B 116 1.18 -13.84 17.52
CA VAL B 116 0.09 -12.88 17.60
C VAL B 116 0.48 -11.93 18.69
N ASN B 117 0.66 -10.65 18.34
CA ASN B 117 1.12 -9.64 19.30
C ASN B 117 -0.08 -8.83 19.69
N GLU B 118 -0.53 -8.99 20.96
CA GLU B 118 -1.66 -8.27 21.51
C GLU B 118 -1.43 -6.77 21.67
N LYS B 119 -0.21 -6.41 22.02
CA LYS B 119 0.10 -5.02 22.30
C LYS B 119 0.07 -4.16 21.00
N TYR B 120 0.74 -4.65 19.96
CA TYR B 120 0.88 -3.92 18.67
C TYR B 120 -0.14 -4.35 17.65
N GLY B 121 -0.96 -5.35 17.97
CA GLY B 121 -2.12 -5.70 17.15
C GLY B 121 -1.70 -6.23 15.82
N TYR B 122 -1.03 -7.38 15.78
CA TYR B 122 -0.65 -7.99 14.49
C TYR B 122 -0.45 -9.50 14.63
N ALA B 123 -0.39 -10.17 13.51
CA ALA B 123 -0.04 -11.57 13.47
C ALA B 123 1.03 -11.77 12.44
N LEU B 124 1.96 -12.68 12.71
CA LEU B 124 2.90 -13.18 11.73
C LEU B 124 2.51 -14.63 11.43
N LEU B 125 2.30 -14.94 10.15
CA LEU B 125 1.64 -16.17 9.78
C LEU B 125 2.33 -16.93 8.73
N GLU B 126 2.24 -18.29 8.82
CA GLU B 126 2.58 -19.11 7.69
C GLU B 126 1.35 -19.30 6.80
N PRO B 127 1.54 -19.76 5.56
CA PRO B 127 0.42 -19.76 4.63
C PRO B 127 -0.71 -20.72 4.98
N GLY B 128 -0.40 -21.74 5.80
CA GLY B 128 -1.46 -22.66 6.13
C GLY B 128 -2.45 -22.25 7.18
N VAL B 129 -2.23 -21.08 7.81
CA VAL B 129 -3.14 -20.63 8.83
C VAL B 129 -4.44 -20.18 8.14
N THR B 130 -5.52 -20.91 8.42
CA THR B 130 -6.85 -20.49 7.92
C THR B 130 -7.50 -19.44 8.83
N TYR B 131 -8.59 -18.84 8.35
CA TYR B 131 -9.32 -17.87 9.16
C TYR B 131 -9.88 -18.57 10.38
N PHE B 132 -10.35 -19.83 10.22
CA PHE B 132 -10.85 -20.59 11.37
C PHE B 132 -9.72 -20.83 12.40
N ASP B 133 -8.51 -21.11 11.93
CA ASP B 133 -7.36 -21.35 12.77
C ASP B 133 -7.04 -20.12 13.56
N LEU B 134 -6.96 -18.97 12.89
CA LEU B 134 -6.60 -17.74 13.63
C LEU B 134 -7.71 -17.37 14.64
N TYR B 135 -8.95 -17.50 14.24
CA TYR B 135 -10.09 -17.26 15.13
C TYR B 135 -10.00 -18.11 16.43
N GLU B 136 -9.72 -19.38 16.23
CA GLU B 136 -9.57 -20.33 17.39
C GLU B 136 -8.42 -19.88 18.32
N TYR B 137 -7.30 -19.38 17.75
CA TYR B 137 -6.19 -18.86 18.49
C TYR B 137 -6.66 -17.65 19.32
N LEU B 138 -7.29 -16.67 18.65
CA LEU B 138 -7.76 -15.48 19.29
C LEU B 138 -8.77 -15.82 20.41
N GLN B 139 -9.66 -16.75 20.19
CA GLN B 139 -10.67 -17.11 21.22
C GLN B 139 -10.01 -17.78 22.41
N SER B 140 -9.14 -18.74 22.15
CA SER B 140 -8.37 -19.48 23.17
C SER B 140 -7.56 -18.61 24.06
N HIS B 141 -7.03 -17.51 23.52
CA HIS B 141 -6.13 -16.65 24.26
C HIS B 141 -6.82 -15.46 24.83
N ASP B 142 -8.13 -15.44 24.71
CA ASP B 142 -8.99 -14.36 25.12
C ASP B 142 -8.47 -13.01 24.58
N SER B 143 -8.06 -13.03 23.34
CA SER B 143 -7.51 -11.84 22.69
C SER B 143 -8.50 -10.66 22.65
N GLY B 144 -7.94 -9.46 22.67
CA GLY B 144 -8.70 -8.27 22.37
C GLY B 144 -8.74 -7.89 20.88
N LEU B 145 -8.17 -8.73 20.04
CA LEU B 145 -8.09 -8.45 18.59
C LEU B 145 -9.18 -9.24 17.87
N MET B 146 -9.41 -8.82 16.63
CA MET B 146 -10.30 -9.56 15.75
C MET B 146 -9.66 -9.67 14.39
N LEU B 147 -10.03 -10.69 13.67
CA LEU B 147 -9.58 -10.86 12.32
C LEU B 147 -10.57 -10.27 11.34
N ASP B 148 -10.12 -10.24 10.09
CA ASP B 148 -10.96 -9.79 8.98
C ASP B 148 -11.05 -10.93 7.96
N CYS B 149 -12.24 -11.48 7.78
CA CYS B 149 -12.38 -12.66 6.90
C CYS B 149 -13.22 -12.44 5.65
N PRO B 150 -12.91 -13.18 4.58
CA PRO B 150 -13.83 -13.23 3.49
C PRO B 150 -15.05 -14.08 3.90
N ASP B 151 -15.95 -14.25 2.96
CA ASP B 151 -17.18 -14.98 3.25
C ASP B 151 -16.98 -16.46 3.64
N LEU B 152 -15.90 -17.12 3.19
CA LEU B 152 -15.66 -18.52 3.47
C LEU B 152 -14.41 -18.61 4.31
N GLY B 153 -14.53 -19.09 5.52
CA GLY B 153 -13.39 -19.11 6.44
C GLY B 153 -12.30 -20.13 6.25
N TRP B 154 -12.45 -21.05 5.27
CA TRP B 154 -11.52 -22.11 5.11
C TRP B 154 -10.31 -21.73 4.28
N GLY B 155 -10.33 -20.50 3.76
CA GLY B 155 -9.16 -20.00 3.11
C GLY B 155 -7.99 -19.57 4.05
N SER B 156 -6.97 -19.06 3.40
CA SER B 156 -5.70 -18.71 4.01
C SER B 156 -5.67 -17.19 4.23
N VAL B 157 -5.29 -16.76 5.43
CA VAL B 157 -5.07 -15.33 5.68
C VAL B 157 -4.06 -14.81 4.67
N VAL B 158 -3.00 -15.56 4.46
CA VAL B 158 -1.97 -15.24 3.54
C VAL B 158 -2.41 -15.33 2.04
N GLY B 159 -2.92 -16.52 1.67
CA GLY B 159 -3.25 -16.83 0.30
C GLY B 159 -4.29 -15.82 -0.21
N ASN B 160 -5.27 -15.51 0.61
CA ASN B 160 -6.23 -14.54 0.20
C ASN B 160 -5.63 -13.16 -0.03
N THR B 161 -4.77 -12.76 0.91
CA THR B 161 -4.05 -11.43 0.74
C THR B 161 -3.21 -11.44 -0.51
N LEU B 162 -2.55 -12.57 -0.82
CA LEU B 162 -1.69 -12.64 -2.03
C LEU B 162 -2.46 -12.53 -3.33
N ASP B 163 -3.75 -12.76 -3.32
CA ASP B 163 -4.60 -12.51 -4.51
C ASP B 163 -5.41 -11.20 -4.38
N ARG B 164 -5.05 -10.34 -3.39
CA ARG B 164 -5.73 -9.10 -3.05
C ARG B 164 -7.23 -9.26 -2.83
N GLY B 165 -7.53 -10.30 -2.08
CA GLY B 165 -8.85 -10.55 -1.67
C GLY B 165 -9.31 -9.62 -0.56
N VAL B 166 -10.57 -9.76 -0.21
CA VAL B 166 -11.25 -8.78 0.58
C VAL B 166 -12.18 -9.37 1.62
N GLY B 167 -12.34 -8.67 2.71
CA GLY B 167 -13.37 -8.88 3.72
C GLY B 167 -14.11 -7.62 4.04
N TYR B 168 -14.74 -7.60 5.22
CA TYR B 168 -15.88 -6.73 5.45
C TYR B 168 -15.89 -5.89 6.71
N THR B 169 -14.84 -6.00 7.51
CA THR B 169 -14.70 -5.16 8.66
C THR B 169 -13.97 -3.89 8.16
N PRO B 170 -13.72 -2.94 9.08
CA PRO B 170 -12.88 -1.79 8.66
C PRO B 170 -11.50 -2.17 8.16
N TYR B 171 -11.01 -3.34 8.54
CA TYR B 171 -9.75 -3.92 7.99
C TYR B 171 -9.90 -4.80 6.72
N GLY B 172 -10.97 -4.54 5.99
CA GLY B 172 -11.31 -5.42 4.87
C GLY B 172 -10.46 -5.39 3.64
N ASP B 173 -9.62 -4.35 3.47
CA ASP B 173 -8.63 -4.37 2.41
C ASP B 173 -7.39 -5.16 2.93
N HIS B 174 -7.34 -6.47 2.65
CA HIS B 174 -6.28 -7.29 3.22
C HIS B 174 -4.89 -6.84 2.88
N PHE B 175 -4.65 -6.54 1.61
CA PHE B 175 -3.36 -6.09 1.23
C PHE B 175 -2.94 -4.79 1.92
N MET B 176 -3.88 -3.90 2.16
CA MET B 176 -3.56 -2.65 2.90
C MET B 176 -2.95 -2.96 4.29
N TRP B 177 -3.46 -4.01 4.93
CA TRP B 177 -2.97 -4.33 6.29
C TRP B 177 -1.80 -5.31 6.35
N GLN B 178 -1.46 -5.93 5.22
CA GLN B 178 -0.25 -6.74 5.13
C GLN B 178 0.97 -5.94 5.45
N THR B 179 1.81 -6.51 6.28
CA THR B 179 2.99 -5.83 6.82
C THR B 179 4.10 -6.85 6.95
N GLY B 180 5.04 -6.81 6.02
CA GLY B 180 6.17 -7.75 5.94
C GLY B 180 5.86 -9.09 5.32
N LEU B 181 6.79 -9.55 4.50
CA LEU B 181 6.75 -10.91 4.02
C LEU B 181 8.12 -11.52 3.81
N GLU B 182 8.13 -12.84 3.80
CA GLU B 182 9.29 -13.66 3.43
C GLU B 182 8.96 -14.40 2.17
N VAL B 183 9.84 -14.33 1.18
CA VAL B 183 9.60 -14.91 -0.13
C VAL B 183 10.81 -15.63 -0.61
N VAL B 184 10.56 -16.76 -1.23
CA VAL B 184 11.56 -17.48 -2.02
C VAL B 184 11.40 -17.09 -3.44
N LEU B 185 12.44 -16.48 -3.96
CA LEU B 185 12.49 -15.95 -5.32
C LEU B 185 12.76 -17.04 -6.33
N PRO B 186 12.53 -16.78 -7.61
CA PRO B 186 12.38 -17.91 -8.55
C PRO B 186 13.60 -18.81 -8.78
N GLN B 187 14.81 -18.40 -8.38
CA GLN B 187 16.01 -19.30 -8.40
C GLN B 187 16.35 -19.90 -7.07
N GLY B 188 15.55 -19.66 -6.04
CA GLY B 188 15.71 -20.22 -4.76
C GLY B 188 16.27 -19.35 -3.64
N GLU B 189 16.64 -18.12 -3.97
CA GLU B 189 17.08 -17.11 -2.99
C GLU B 189 15.94 -16.78 -1.99
N VAL B 190 16.20 -16.52 -0.71
CA VAL B 190 15.14 -16.12 0.19
C VAL B 190 15.34 -14.64 0.54
N MET B 191 14.24 -13.90 0.65
CA MET B 191 14.29 -12.48 0.95
C MET B 191 13.17 -12.10 1.93
N ARG B 192 13.45 -11.17 2.84
CA ARG B 192 12.43 -10.54 3.69
C ARG B 192 12.27 -9.10 3.26
N THR B 193 11.02 -8.69 3.13
CA THR B 193 10.72 -7.27 2.80
C THR B 193 10.62 -6.38 4.04
N GLY B 194 10.67 -5.09 3.81
CA GLY B 194 10.43 -4.15 4.86
C GLY B 194 11.46 -4.14 5.98
N MET B 195 10.98 -3.97 7.21
CA MET B 195 11.92 -3.97 8.34
C MET B 195 12.46 -5.38 8.62
N GLY B 196 11.85 -6.41 8.05
CA GLY B 196 12.37 -7.79 8.18
C GLY B 196 13.72 -7.92 7.52
N ALA B 197 14.05 -7.02 6.59
CA ALA B 197 15.36 -7.03 5.97
C ALA B 197 16.46 -6.54 6.91
N LEU B 198 16.09 -5.95 8.05
CA LEU B 198 16.99 -5.44 9.05
C LEU B 198 17.22 -6.51 10.15
N PRO B 199 18.38 -7.18 10.12
CA PRO B 199 18.48 -8.28 11.15
C PRO B 199 18.22 -7.86 12.57
N GLY B 200 17.37 -8.64 13.25
CA GLY B 200 17.00 -8.40 14.57
C GLY B 200 15.92 -7.37 14.79
N SER B 201 15.38 -6.76 13.72
CA SER B 201 14.29 -5.80 13.92
C SER B 201 13.07 -6.45 14.56
N ASP B 202 12.42 -5.73 15.45
CA ASP B 202 11.11 -5.98 16.02
C ASP B 202 9.98 -5.29 15.27
N ALA B 203 10.29 -4.66 14.13
CA ALA B 203 9.35 -3.82 13.47
C ALA B 203 8.83 -4.40 12.15
N TRP B 204 9.13 -5.65 11.85
CA TRP B 204 8.65 -6.28 10.61
C TRP B 204 7.14 -6.11 10.41
N GLN B 205 6.37 -6.28 11.47
CA GLN B 205 4.91 -6.16 11.40
C GLN B 205 4.40 -4.77 11.88
N LEU B 206 5.32 -3.87 12.15
CA LEU B 206 5.02 -2.52 12.59
C LEU B 206 5.02 -1.44 11.51
N PHE B 207 6.01 -1.46 10.60
CA PHE B 207 6.17 -0.46 9.54
C PHE B 207 6.39 -1.21 8.23
N PRO B 208 5.45 -1.06 7.27
CA PRO B 208 5.51 -1.94 6.13
C PRO B 208 6.65 -1.62 5.10
N TYR B 209 7.09 -0.36 5.01
CA TYR B 209 7.84 0.02 3.79
C TYR B 209 9.33 -0.32 3.86
N GLY B 210 9.92 -0.31 5.04
CA GLY B 210 11.36 -0.40 5.16
C GLY B 210 12.03 0.79 4.45
N PHE B 211 13.11 0.48 3.72
CA PHE B 211 13.98 1.42 3.04
C PHE B 211 14.14 1.06 1.58
N GLY B 212 14.09 2.06 0.73
CA GLY B 212 14.27 1.80 -0.68
C GLY B 212 12.99 1.41 -1.40
N PRO B 213 13.09 0.91 -2.63
CA PRO B 213 11.88 0.63 -3.37
C PRO B 213 10.99 -0.40 -2.67
N PHE B 214 9.70 -0.15 -2.59
CA PHE B 214 8.79 -0.94 -1.78
C PHE B 214 8.14 -2.07 -2.61
N PRO B 215 8.51 -3.34 -2.32
CA PRO B 215 8.26 -4.37 -3.33
C PRO B 215 7.07 -5.30 -3.05
N ASP B 216 6.46 -5.20 -1.86
CA ASP B 216 5.50 -6.21 -1.41
C ASP B 216 4.33 -6.41 -2.38
N GLY B 217 3.86 -5.35 -3.04
CA GLY B 217 2.80 -5.41 -4.01
C GLY B 217 3.14 -6.27 -5.21
N MET B 218 4.44 -6.34 -5.50
CA MET B 218 4.90 -7.13 -6.63
C MET B 218 4.77 -8.63 -6.38
N PHE B 219 4.48 -9.05 -5.16
CA PHE B 219 4.27 -10.48 -4.83
C PHE B 219 2.78 -10.77 -4.67
N THR B 220 1.92 -9.86 -5.12
CA THR B 220 0.48 -10.05 -5.09
C THR B 220 -0.05 -10.18 -6.53
N GLN B 221 -0.99 -11.11 -6.75
CA GLN B 221 -1.44 -11.47 -8.08
C GLN B 221 -0.26 -11.66 -9.06
N SER B 222 0.74 -12.41 -8.59
CA SER B 222 2.06 -12.42 -9.11
C SER B 222 2.66 -13.76 -9.28
N ASN B 223 3.63 -13.88 -10.15
CA ASN B 223 4.43 -15.12 -10.20
C ASN B 223 5.93 -14.90 -9.95
N LEU B 224 6.25 -13.99 -9.06
CA LEU B 224 7.63 -13.66 -8.73
C LEU B 224 8.21 -14.36 -7.55
N GLY B 225 7.46 -15.23 -6.89
CA GLY B 225 8.03 -16.02 -5.84
C GLY B 225 7.08 -16.88 -5.13
N ILE B 226 7.62 -17.59 -4.16
CA ILE B 226 6.80 -18.39 -3.23
C ILE B 226 6.87 -17.83 -1.83
N VAL B 227 5.74 -17.29 -1.36
CA VAL B 227 5.70 -16.65 -0.08
C VAL B 227 5.64 -17.71 1.03
N THR B 228 6.45 -17.50 2.08
CA THR B 228 6.57 -18.46 3.17
C THR B 228 6.20 -17.95 4.53
N LYS B 229 6.15 -16.61 4.72
CA LYS B 229 5.70 -15.94 5.94
C LYS B 229 5.09 -14.60 5.49
N MET B 230 4.05 -14.18 6.15
CA MET B 230 3.45 -12.88 5.97
C MET B 230 2.91 -12.35 7.28
N GLY B 231 3.07 -11.04 7.49
CA GLY B 231 2.46 -10.40 8.60
C GLY B 231 1.19 -9.65 8.21
N ILE B 232 0.31 -9.48 9.16
CA ILE B 232 -0.92 -8.68 8.94
C ILE B 232 -1.32 -7.95 10.24
N ALA B 233 -1.66 -6.66 10.13
CA ALA B 233 -2.25 -5.96 11.23
C ALA B 233 -3.66 -6.52 11.57
N LEU B 234 -3.99 -6.53 12.86
CA LEU B 234 -5.27 -6.93 13.37
C LEU B 234 -5.93 -5.83 14.14
N MET B 235 -7.19 -5.58 13.85
CA MET B 235 -8.01 -4.57 14.50
C MET B 235 -8.34 -4.93 15.96
N GLN B 236 -8.46 -3.95 16.79
CA GLN B 236 -9.00 -4.14 18.14
C GLN B 236 -10.51 -4.42 18.09
N ARG B 237 -10.98 -5.47 18.77
CA ARG B 237 -12.46 -5.70 18.81
C ARG B 237 -13.14 -4.53 19.55
N PRO B 238 -14.20 -3.95 18.97
CA PRO B 238 -14.91 -2.85 19.64
C PRO B 238 -15.74 -3.37 20.77
N PRO B 239 -16.24 -2.49 21.60
CA PRO B 239 -17.04 -2.93 22.75
C PRO B 239 -18.45 -3.50 22.40
N ALA B 240 -18.98 -3.10 21.26
CA ALA B 240 -20.32 -3.49 20.84
C ALA B 240 -20.37 -3.37 19.30
N SER B 241 -21.32 -4.08 18.68
CA SER B 241 -21.56 -3.96 17.26
C SER B 241 -23.07 -4.19 16.98
N GLN B 242 -23.52 -3.75 15.83
CA GLN B 242 -24.92 -3.98 15.42
C GLN B 242 -24.87 -4.10 13.89
N SER B 243 -25.53 -5.13 13.36
CA SER B 243 -25.64 -5.27 11.95
C SER B 243 -27.06 -4.95 11.49
N PHE B 244 -27.20 -4.59 10.25
CA PHE B 244 -28.49 -4.23 9.72
C PHE B 244 -28.60 -4.66 8.27
N LEU B 245 -29.86 -4.82 7.85
CA LEU B 245 -30.29 -5.10 6.49
C LEU B 245 -31.23 -4.03 6.05
N ILE B 246 -31.05 -3.53 4.83
CA ILE B 246 -32.04 -2.68 4.22
C ILE B 246 -32.49 -3.36 2.97
N THR B 247 -33.79 -3.68 2.88
CA THR B 247 -34.31 -4.24 1.66
C THR B 247 -34.88 -3.18 0.73
N PHE B 248 -34.58 -3.27 -0.57
CA PHE B 248 -35.09 -2.32 -1.56
C PHE B 248 -35.90 -3.10 -2.56
N ASP B 249 -37.09 -2.63 -2.84
CA ASP B 249 -38.04 -3.42 -3.61
C ASP B 249 -37.74 -3.57 -5.11
N LYS B 250 -37.18 -2.56 -5.78
CA LYS B 250 -37.07 -2.59 -7.23
C LYS B 250 -35.65 -2.84 -7.76
N GLU B 251 -35.56 -3.64 -8.82
CA GLU B 251 -34.34 -3.81 -9.60
C GLU B 251 -33.76 -2.43 -9.99
N GLU B 252 -34.63 -1.45 -10.22
CA GLU B 252 -34.27 -0.10 -10.62
C GLU B 252 -33.79 0.78 -9.46
N ASP B 253 -33.84 0.30 -8.23
CA ASP B 253 -33.41 1.12 -7.08
C ASP B 253 -31.86 1.25 -7.00
N LEU B 254 -31.16 0.37 -7.70
CA LEU B 254 -29.69 0.27 -7.66
C LEU B 254 -29.05 1.68 -7.72
N GLU B 255 -29.46 2.48 -8.69
CA GLU B 255 -28.82 3.80 -8.90
C GLU B 255 -28.94 4.70 -7.69
N GLN B 256 -30.14 4.84 -7.14
CA GLN B 256 -30.32 5.67 -6.02
C GLN B 256 -29.64 5.10 -4.77
N ILE B 257 -29.65 3.77 -4.57
CA ILE B 257 -29.01 3.20 -3.39
C ILE B 257 -27.49 3.66 -3.36
N VAL B 258 -26.82 3.47 -4.50
CA VAL B 258 -25.40 3.74 -4.61
C VAL B 258 -25.14 5.26 -4.42
N ASP B 259 -25.94 6.11 -5.07
CA ASP B 259 -25.73 7.57 -4.95
C ASP B 259 -25.98 8.07 -3.56
N ILE B 260 -26.93 7.47 -2.83
CA ILE B 260 -27.12 7.85 -1.47
C ILE B 260 -25.98 7.33 -0.56
N MET B 261 -25.51 6.12 -0.84
CA MET B 261 -24.48 5.48 -0.04
C MET B 261 -23.19 6.33 0.02
N LEU B 262 -22.77 6.88 -1.12
CA LEU B 262 -21.39 7.40 -1.27
C LEU B 262 -21.05 8.41 -0.17
N PRO B 263 -21.84 9.45 0.02
CA PRO B 263 -21.53 10.41 1.05
C PRO B 263 -21.51 9.86 2.45
N LEU B 264 -22.19 8.75 2.69
CA LEU B 264 -22.16 8.09 4.01
C LEU B 264 -21.02 7.14 4.21
N ARG B 265 -20.31 6.82 3.14
CA ARG B 265 -19.22 5.86 3.19
C ARG B 265 -17.84 6.50 3.07
N ILE B 266 -17.70 7.60 2.31
CA ILE B 266 -16.36 8.00 1.87
C ILE B 266 -15.47 8.46 3.06
N ASN B 267 -16.07 8.93 4.15
CA ASN B 267 -15.38 9.29 5.37
C ASN B 267 -15.36 8.18 6.42
N MET B 268 -15.67 6.95 6.06
CA MET B 268 -15.72 5.81 7.01
C MET B 268 -16.73 5.94 8.11
N ALA B 269 -17.69 6.83 7.97
CA ALA B 269 -18.77 7.00 8.94
C ALA B 269 -19.88 7.83 8.30
N PRO B 270 -21.14 7.53 8.54
CA PRO B 270 -21.60 6.50 9.47
C PRO B 270 -21.44 5.04 8.96
N LEU B 271 -21.22 4.84 7.66
CA LEU B 271 -20.87 3.45 7.17
C LEU B 271 -19.40 3.10 7.47
N GLN B 272 -19.20 2.51 8.63
CA GLN B 272 -17.91 2.15 9.15
C GLN B 272 -17.29 0.94 8.51
N ASN B 273 -18.14 -0.03 8.15
CA ASN B 273 -17.67 -1.32 7.71
C ASN B 273 -17.74 -1.27 6.19
N VAL B 274 -17.36 -2.36 5.53
CA VAL B 274 -17.51 -2.50 4.12
C VAL B 274 -18.96 -2.98 3.81
N PRO B 275 -19.82 -2.11 3.34
CA PRO B 275 -21.21 -2.58 3.01
C PRO B 275 -21.21 -3.52 1.84
N VAL B 276 -22.20 -4.38 1.79
CA VAL B 276 -22.39 -5.20 0.63
C VAL B 276 -23.82 -4.94 0.16
N LEU B 277 -23.96 -4.84 -1.17
CA LEU B 277 -25.27 -4.71 -1.79
C LEU B 277 -25.50 -5.91 -2.71
N ARG B 278 -26.45 -6.78 -2.30
CA ARG B 278 -26.60 -8.08 -2.87
C ARG B 278 -28.00 -8.14 -3.50
N ASN B 279 -28.08 -8.75 -4.67
CA ASN B 279 -29.41 -8.93 -5.27
C ASN B 279 -30.11 -10.17 -4.74
N ILE B 280 -31.38 -10.26 -5.10
CA ILE B 280 -32.21 -11.39 -4.64
C ILE B 280 -31.69 -12.74 -5.05
N PHE B 281 -31.06 -12.84 -6.23
CA PHE B 281 -30.48 -14.13 -6.63
C PHE B 281 -29.38 -14.60 -5.67
N MET B 282 -28.53 -13.65 -5.28
CA MET B 282 -27.47 -14.00 -4.35
C MET B 282 -28.06 -14.48 -3.03
N ASP B 283 -29.04 -13.78 -2.46
CA ASP B 283 -29.54 -14.07 -1.15
C ASP B 283 -30.42 -15.33 -1.21
N ALA B 284 -31.17 -15.48 -2.28
CA ALA B 284 -32.01 -16.72 -2.46
C ALA B 284 -31.14 -17.93 -2.61
N ALA B 285 -30.05 -17.81 -3.37
CA ALA B 285 -29.18 -18.95 -3.52
C ALA B 285 -28.58 -19.36 -2.21
N ALA B 286 -28.36 -18.40 -1.32
CA ALA B 286 -27.76 -18.72 -0.02
C ALA B 286 -28.65 -19.60 0.88
N VAL B 287 -29.96 -19.62 0.61
CA VAL B 287 -30.94 -20.22 1.51
C VAL B 287 -31.91 -21.23 0.86
N SER B 288 -31.79 -21.42 -0.44
CA SER B 288 -32.82 -22.10 -1.22
C SER B 288 -32.25 -22.58 -2.53
N LYS B 289 -32.91 -23.59 -3.09
CA LYS B 289 -32.56 -24.13 -4.42
C LYS B 289 -33.40 -23.48 -5.49
N ARG B 290 -32.90 -23.47 -6.74
CA ARG B 290 -33.54 -22.71 -7.81
C ARG B 290 -34.98 -23.28 -8.05
N THR B 291 -35.05 -24.59 -7.93
CA THR B 291 -36.32 -25.33 -8.19
C THR B 291 -37.39 -25.07 -7.17
N GLU B 292 -37.05 -24.47 -6.05
CA GLU B 292 -38.08 -23.98 -5.18
C GLU B 292 -38.92 -22.91 -5.85
N TRP B 293 -38.34 -22.18 -6.79
CA TRP B 293 -38.99 -20.96 -7.35
C TRP B 293 -39.38 -21.10 -8.80
N PHE B 294 -38.63 -21.88 -9.57
CA PHE B 294 -38.89 -22.02 -10.98
C PHE B 294 -38.28 -23.31 -11.38
N ASP B 295 -38.99 -24.18 -12.12
CA ASP B 295 -38.37 -25.34 -12.81
C ASP B 295 -38.46 -25.06 -14.31
N GLY B 296 -37.31 -24.93 -14.98
CA GLY B 296 -37.26 -24.49 -16.39
C GLY B 296 -35.83 -24.12 -16.73
N ASP B 297 -35.33 -24.52 -17.90
CA ASP B 297 -33.90 -24.34 -18.19
C ASP B 297 -33.50 -22.83 -18.49
N GLY B 298 -34.46 -21.94 -18.82
CA GLY B 298 -34.18 -20.55 -19.21
C GLY B 298 -34.22 -19.53 -18.05
N PRO B 299 -34.27 -18.20 -18.35
CA PRO B 299 -34.20 -17.20 -17.27
C PRO B 299 -35.44 -17.20 -16.45
N MET B 300 -35.26 -16.89 -15.19
CA MET B 300 -36.34 -16.93 -14.23
C MET B 300 -37.33 -15.84 -14.57
N PRO B 301 -38.62 -16.21 -14.70
CA PRO B 301 -39.62 -15.19 -14.96
C PRO B 301 -39.90 -14.25 -13.78
N ALA B 302 -40.34 -13.06 -14.13
CA ALA B 302 -40.61 -12.02 -13.16
C ALA B 302 -41.52 -12.46 -12.02
N GLU B 303 -42.53 -13.31 -12.32
CA GLU B 303 -43.42 -13.82 -11.25
C GLU B 303 -42.68 -14.71 -10.25
N ALA B 304 -41.72 -15.50 -10.72
CA ALA B 304 -40.89 -16.34 -9.80
C ALA B 304 -39.95 -15.47 -8.95
N ILE B 305 -39.45 -14.38 -9.53
CA ILE B 305 -38.65 -13.40 -8.80
C ILE B 305 -39.46 -12.78 -7.66
N GLU B 306 -40.70 -12.35 -7.97
CA GLU B 306 -41.57 -11.79 -6.94
C GLU B 306 -41.86 -12.83 -5.86
N ARG B 307 -41.98 -14.11 -6.24
CA ARG B 307 -42.26 -15.11 -5.20
C ARG B 307 -41.07 -15.24 -4.25
N MET B 308 -39.82 -15.26 -4.79
CA MET B 308 -38.60 -15.29 -3.96
C MET B 308 -38.64 -14.13 -2.96
N LYS B 309 -38.86 -12.91 -3.45
CA LYS B 309 -38.92 -11.74 -2.59
C LYS B 309 -39.94 -11.87 -1.49
N LYS B 310 -41.15 -12.29 -1.88
CA LYS B 310 -42.21 -12.36 -0.89
C LYS B 310 -42.01 -13.47 0.13
N ASP B 311 -41.57 -14.64 -0.29
CA ASP B 311 -41.35 -15.72 0.67
C ASP B 311 -40.16 -15.45 1.61
N LEU B 312 -39.08 -14.86 1.04
CA LEU B 312 -37.90 -14.58 1.85
C LEU B 312 -38.01 -13.23 2.59
N ASP B 313 -39.01 -12.43 2.23
CA ASP B 313 -39.24 -11.12 2.81
C ASP B 313 -37.98 -10.23 2.57
N LEU B 314 -37.49 -10.28 1.34
CA LEU B 314 -36.30 -9.54 0.92
C LEU B 314 -36.64 -8.74 -0.32
N GLY B 315 -35.74 -7.80 -0.63
CA GLY B 315 -35.88 -6.88 -1.76
C GLY B 315 -35.21 -7.44 -2.95
N PHE B 316 -35.32 -6.79 -4.13
CA PHE B 316 -34.49 -7.13 -5.23
C PHE B 316 -33.03 -6.84 -4.85
N TRP B 317 -32.80 -5.73 -4.15
CA TRP B 317 -31.44 -5.32 -3.64
C TRP B 317 -31.48 -5.27 -2.14
N ASN B 318 -30.51 -5.93 -1.51
CA ASN B 318 -30.44 -6.06 -0.07
C ASN B 318 -29.04 -5.57 0.43
N PHE B 319 -29.12 -4.48 1.20
CA PHE B 319 -27.93 -3.80 1.73
C PHE B 319 -27.64 -4.28 3.14
N TYR B 320 -26.40 -4.77 3.37
CA TYR B 320 -25.97 -5.25 4.67
C TYR B 320 -24.80 -4.45 5.17
N GLY B 321 -24.92 -3.93 6.38
CA GLY B 321 -23.81 -3.25 7.05
C GLY B 321 -23.72 -3.55 8.52
N THR B 322 -22.60 -3.13 9.12
CA THR B 322 -22.37 -3.29 10.51
C THR B 322 -21.74 -2.03 11.04
N LEU B 323 -22.17 -1.70 12.27
CA LEU B 323 -21.71 -0.55 13.03
C LEU B 323 -21.04 -1.04 14.29
N TYR B 324 -20.04 -0.25 14.75
CA TYR B 324 -19.18 -0.63 15.86
C TYR B 324 -18.96 0.53 16.79
N GLY B 325 -18.83 0.22 18.07
CA GLY B 325 -18.38 1.24 19.03
C GLY B 325 -19.29 1.27 20.21
N PRO B 326 -19.15 2.32 21.04
CA PRO B 326 -20.04 2.36 22.16
C PRO B 326 -21.49 2.43 21.65
N PRO B 327 -22.43 1.95 22.43
CA PRO B 327 -23.83 2.01 21.99
C PRO B 327 -24.43 3.37 21.60
N PRO B 328 -24.02 4.49 22.26
CA PRO B 328 -24.49 5.77 21.72
C PRO B 328 -23.98 6.14 20.28
N LEU B 329 -22.77 5.73 19.94
CA LEU B 329 -22.19 5.99 18.62
C LEU B 329 -22.99 5.17 17.60
N ILE B 330 -23.24 3.91 17.93
CA ILE B 330 -24.01 3.00 17.06
C ILE B 330 -25.38 3.61 16.76
N GLU B 331 -26.05 4.03 17.80
CA GLU B 331 -27.36 4.74 17.65
C GLU B 331 -27.33 5.98 16.73
N MET B 332 -26.34 6.86 16.91
CA MET B 332 -26.24 8.09 16.06
C MET B 332 -26.05 7.64 14.61
N TYR B 333 -25.17 6.65 14.39
CA TYR B 333 -24.83 6.26 12.98
C TYR B 333 -26.03 5.53 12.31
N TYR B 334 -26.66 4.61 13.04
CA TYR B 334 -27.86 3.92 12.50
C TYR B 334 -28.95 4.92 12.14
N GLY B 335 -29.15 5.91 12.99
CA GLY B 335 -30.16 6.91 12.78
C GLY B 335 -29.88 7.67 11.49
N MET B 336 -28.63 8.00 11.25
CA MET B 336 -28.27 8.64 10.03
C MET B 336 -28.54 7.78 8.81
N ILE B 337 -28.14 6.52 8.91
CA ILE B 337 -28.33 5.56 7.83
C ILE B 337 -29.84 5.42 7.47
N LYS B 338 -30.68 5.32 8.49
CA LYS B 338 -32.13 5.21 8.26
C LYS B 338 -32.70 6.43 7.55
N GLU B 339 -32.24 7.60 8.01
CA GLU B 339 -32.73 8.86 7.45
C GLU B 339 -32.35 9.02 6.00
N ALA B 340 -31.13 8.66 5.64
CA ALA B 340 -30.72 8.78 4.26
C ALA B 340 -31.38 7.78 3.33
N PHE B 341 -31.30 6.49 3.63
CA PHE B 341 -31.78 5.44 2.74
C PHE B 341 -33.32 5.34 2.77
N GLY B 342 -33.92 5.92 3.79
CA GLY B 342 -35.38 5.99 3.95
C GLY B 342 -36.05 6.88 2.92
N LYS B 343 -35.30 7.76 2.26
CA LYS B 343 -35.77 8.45 1.06
C LYS B 343 -36.06 7.58 -0.14
N ILE B 344 -35.64 6.32 -0.17
CA ILE B 344 -35.96 5.47 -1.30
C ILE B 344 -37.30 4.78 -1.01
N PRO B 345 -38.33 5.01 -1.84
CA PRO B 345 -39.65 4.35 -1.57
C PRO B 345 -39.50 2.84 -1.56
N GLY B 346 -40.07 2.22 -0.54
CA GLY B 346 -40.12 0.76 -0.42
C GLY B 346 -39.04 0.24 0.48
N ALA B 347 -38.10 1.09 0.89
CA ALA B 347 -36.95 0.64 1.73
C ALA B 347 -37.44 0.21 3.08
N ARG B 348 -36.97 -0.91 3.57
CA ARG B 348 -37.31 -1.34 4.90
C ARG B 348 -36.04 -1.73 5.65
N PHE B 349 -36.04 -1.49 6.97
CA PHE B 349 -34.86 -1.68 7.78
C PHE B 349 -35.03 -2.76 8.85
N PHE B 350 -34.00 -3.56 9.06
CA PHE B 350 -33.97 -4.65 10.05
C PHE B 350 -32.62 -4.72 10.71
N THR B 351 -32.57 -4.74 12.04
CA THR B 351 -31.28 -5.02 12.69
C THR B 351 -31.10 -6.53 12.84
N HIS B 352 -29.94 -6.96 13.28
CA HIS B 352 -29.66 -8.40 13.46
C HIS B 352 -30.50 -9.02 14.60
N GLU B 353 -31.16 -8.20 15.38
CA GLU B 353 -32.07 -8.75 16.44
C GLU B 353 -33.51 -8.91 15.95
N GLU B 354 -33.84 -8.53 14.71
CA GLU B 354 -35.25 -8.40 14.27
C GLU B 354 -35.68 -9.37 13.15
N ARG B 355 -34.85 -10.35 12.83
CA ARG B 355 -35.28 -11.35 11.82
C ARG B 355 -34.94 -12.68 12.42
N ASP B 356 -35.88 -13.62 12.50
CA ASP B 356 -35.51 -15.03 12.84
C ASP B 356 -36.01 -16.04 11.82
N ASP B 357 -36.18 -15.58 10.60
CA ASP B 357 -36.79 -16.33 9.55
C ASP B 357 -35.70 -16.75 8.57
N ARG B 358 -36.09 -17.54 7.58
CA ARG B 358 -35.17 -18.06 6.59
C ARG B 358 -34.49 -16.86 5.81
N GLY B 359 -35.27 -15.88 5.40
CA GLY B 359 -34.68 -14.77 4.64
C GLY B 359 -33.65 -13.95 5.43
N GLY B 360 -33.77 -13.99 6.76
CA GLY B 360 -32.85 -13.37 7.74
C GLY B 360 -31.54 -14.08 7.94
N HIS B 361 -31.38 -15.27 7.37
CA HIS B 361 -30.19 -16.07 7.55
C HIS B 361 -28.95 -15.39 7.00
N VAL B 362 -29.08 -14.73 5.85
CA VAL B 362 -27.93 -13.98 5.30
C VAL B 362 -27.53 -12.84 6.25
N LEU B 363 -28.47 -12.13 6.83
CA LEU B 363 -28.15 -11.10 7.81
C LEU B 363 -27.36 -11.68 8.96
N GLN B 364 -27.79 -12.84 9.48
CA GLN B 364 -27.03 -13.44 10.58
C GLN B 364 -25.61 -13.83 10.16
N ASP B 365 -25.44 -14.30 8.96
CA ASP B 365 -24.18 -14.66 8.45
C ASP B 365 -23.27 -13.40 8.26
N ARG B 366 -23.83 -12.31 7.73
CA ARG B 366 -23.04 -11.08 7.65
C ARG B 366 -22.64 -10.55 9.03
N HIS B 367 -23.52 -10.68 9.98
CA HIS B 367 -23.23 -10.26 11.34
C HIS B 367 -22.06 -11.02 11.92
N LYS B 368 -21.89 -12.29 11.54
CA LYS B 368 -20.67 -13.05 11.90
C LYS B 368 -19.45 -12.52 11.20
N ILE B 369 -19.55 -12.53 9.88
CA ILE B 369 -18.45 -12.15 9.00
C ILE B 369 -17.93 -10.78 9.36
N ASN B 370 -18.84 -9.84 9.53
CA ASN B 370 -18.48 -8.45 9.78
C ASN B 370 -17.95 -8.20 11.21
N ASN B 371 -18.06 -9.20 12.04
CA ASN B 371 -17.41 -9.25 13.28
C ASN B 371 -16.24 -10.20 13.38
N GLY B 372 -15.72 -10.66 12.25
CA GLY B 372 -14.50 -11.44 12.18
C GLY B 372 -14.66 -12.82 12.75
N ILE B 373 -15.88 -13.33 12.61
CA ILE B 373 -16.26 -14.65 13.04
C ILE B 373 -16.41 -15.49 11.74
N PRO B 374 -15.46 -16.37 11.45
CA PRO B 374 -15.49 -17.02 10.15
C PRO B 374 -16.65 -18.02 10.05
N SER B 375 -17.08 -18.24 8.82
CA SER B 375 -18.27 -19.06 8.53
C SER B 375 -18.08 -19.77 7.22
N LEU B 376 -18.82 -20.87 7.05
CA LEU B 376 -18.95 -21.55 5.75
C LEU B 376 -20.40 -21.67 5.37
N ASP B 377 -21.26 -20.88 5.95
CA ASP B 377 -22.70 -20.97 5.66
C ASP B 377 -22.94 -20.64 4.20
N GLU B 378 -22.15 -19.74 3.64
CA GLU B 378 -22.33 -19.44 2.20
C GLU B 378 -22.00 -20.54 1.22
N LEU B 379 -21.34 -21.64 1.63
CA LEU B 379 -21.27 -22.84 0.82
C LEU B 379 -22.65 -23.28 0.36
N GLN B 380 -23.73 -22.88 1.04
CA GLN B 380 -25.08 -23.28 0.59
C GLN B 380 -25.45 -22.72 -0.78
N LEU B 381 -24.83 -21.61 -1.15
CA LEU B 381 -25.00 -21.00 -2.49
C LEU B 381 -24.82 -22.00 -3.64
N LEU B 382 -23.90 -22.95 -3.47
CA LEU B 382 -23.55 -23.89 -4.50
C LEU B 382 -24.64 -25.01 -4.61
N ASP B 383 -25.65 -24.99 -3.75
CA ASP B 383 -26.79 -25.93 -3.92
C ASP B 383 -27.89 -25.35 -4.75
N TRP B 384 -27.72 -24.12 -5.29
CA TRP B 384 -28.74 -23.54 -6.12
C TRP B 384 -29.17 -24.42 -7.26
N VAL B 385 -28.20 -25.11 -7.83
CA VAL B 385 -28.38 -26.10 -8.91
C VAL B 385 -27.56 -27.31 -8.64
N PRO B 386 -27.88 -28.45 -9.33
CA PRO B 386 -27.09 -29.66 -9.07
C PRO B 386 -25.60 -29.50 -9.44
N ASN B 387 -24.72 -30.17 -8.71
CA ASN B 387 -23.26 -30.12 -8.94
C ASN B 387 -22.80 -28.66 -9.07
N GLY B 388 -23.38 -27.80 -8.25
CA GLY B 388 -23.20 -26.38 -8.36
C GLY B 388 -21.72 -25.92 -8.26
N GLY B 389 -21.36 -25.01 -9.17
CA GLY B 389 -20.06 -24.32 -9.14
C GLY B 389 -20.32 -22.87 -9.41
N HIS B 390 -19.32 -22.03 -9.17
CA HIS B 390 -19.42 -20.65 -9.59
C HIS B 390 -18.08 -20.16 -10.18
N ILE B 391 -18.18 -19.06 -10.93
CA ILE B 391 -17.02 -18.31 -11.43
C ILE B 391 -17.26 -16.86 -11.03
N GLY B 392 -16.18 -16.13 -10.70
CA GLY B 392 -16.38 -14.72 -10.32
C GLY B 392 -15.91 -13.85 -11.47
N PHE B 393 -16.84 -13.07 -11.97
CA PHE B 393 -16.60 -11.97 -12.90
C PHE B 393 -16.72 -10.74 -12.03
N SER B 394 -15.55 -10.06 -11.84
CA SER B 394 -15.40 -9.05 -10.78
C SER B 394 -14.90 -7.64 -11.23
N PRO B 395 -15.71 -6.93 -12.02
CA PRO B 395 -15.31 -5.58 -12.44
C PRO B 395 -15.26 -4.60 -11.31
N VAL B 396 -14.38 -3.62 -11.44
CA VAL B 396 -14.39 -2.49 -10.53
C VAL B 396 -15.39 -1.45 -11.02
N SER B 397 -16.11 -0.86 -10.08
CA SER B 397 -17.05 0.23 -10.40
C SER B 397 -16.74 1.41 -9.58
N ALA B 398 -16.85 2.59 -10.16
CA ALA B 398 -17.01 3.78 -9.41
C ALA B 398 -18.22 3.71 -8.49
N PRO B 399 -18.21 4.39 -7.36
CA PRO B 399 -19.35 4.40 -6.47
C PRO B 399 -20.38 5.43 -6.97
N ASP B 400 -20.88 5.12 -8.16
CA ASP B 400 -21.82 5.96 -8.88
C ASP B 400 -23.00 5.05 -9.26
N GLY B 401 -24.18 5.52 -8.97
CA GLY B 401 -25.39 4.75 -9.24
C GLY B 401 -25.58 4.43 -10.72
N ARG B 402 -25.31 5.41 -11.58
CA ARG B 402 -25.47 5.18 -13.02
C ARG B 402 -24.48 4.19 -13.53
N GLU B 403 -23.20 4.28 -13.13
CA GLU B 403 -22.23 3.29 -13.54
C GLU B 403 -22.60 1.89 -13.02
N ALA B 404 -23.04 1.79 -11.76
CA ALA B 404 -23.43 0.50 -11.15
C ALA B 404 -24.59 -0.11 -11.96
N MET B 405 -25.56 0.73 -12.31
CA MET B 405 -26.69 0.31 -13.16
C MET B 405 -26.27 -0.12 -14.53
N LYS B 406 -25.38 0.61 -15.20
CA LYS B 406 -24.91 0.15 -16.50
C LYS B 406 -24.18 -1.16 -16.44
N GLN B 407 -23.37 -1.38 -15.39
CA GLN B 407 -22.69 -2.65 -15.27
C GLN B 407 -23.72 -3.78 -15.06
N PHE B 408 -24.67 -3.50 -14.18
CA PHE B 408 -25.72 -4.46 -13.79
C PHE B 408 -26.48 -4.90 -15.05
N GLU B 409 -26.88 -3.91 -15.82
CA GLU B 409 -27.63 -4.18 -17.09
C GLU B 409 -26.80 -4.91 -18.12
N MET B 410 -25.54 -4.52 -18.31
CA MET B 410 -24.67 -5.15 -19.23
C MET B 410 -24.48 -6.61 -18.87
N VAL B 411 -24.23 -6.87 -17.59
CA VAL B 411 -24.03 -8.26 -17.15
C VAL B 411 -25.36 -9.08 -17.26
N ARG B 412 -26.44 -8.52 -16.72
CA ARG B 412 -27.74 -9.17 -16.73
C ARG B 412 -28.07 -9.58 -18.20
N ASN B 413 -27.90 -8.68 -19.15
CA ASN B 413 -28.20 -9.04 -20.56
C ASN B 413 -27.44 -10.22 -21.15
N ARG B 414 -26.12 -10.27 -20.96
CA ARG B 414 -25.38 -11.44 -21.36
C ARG B 414 -25.72 -12.66 -20.57
N ALA B 415 -26.03 -12.52 -19.27
CA ALA B 415 -26.38 -13.69 -18.47
C ALA B 415 -27.68 -14.37 -19.05
N ASN B 416 -28.62 -13.51 -19.41
CA ASN B 416 -29.89 -13.94 -20.01
C ASN B 416 -29.62 -14.74 -21.27
N GLU B 417 -28.78 -14.17 -22.14
CA GLU B 417 -28.45 -14.77 -23.42
C GLU B 417 -27.76 -16.15 -23.25
N TYR B 418 -26.95 -16.35 -22.23
CA TYR B 418 -26.31 -17.63 -21.99
C TYR B 418 -27.01 -18.55 -20.99
N ASN B 419 -28.24 -18.21 -20.60
CA ASN B 419 -29.04 -18.86 -19.55
C ASN B 419 -28.34 -19.18 -18.24
N LYS B 420 -27.79 -18.12 -17.65
CA LYS B 420 -27.12 -18.25 -16.39
C LYS B 420 -27.73 -17.17 -15.50
N ASP B 421 -28.04 -17.56 -14.26
CA ASP B 421 -28.48 -16.60 -13.25
C ASP B 421 -27.29 -15.72 -12.82
N TYR B 422 -27.60 -14.46 -12.67
CA TYR B 422 -26.61 -13.45 -12.28
C TYR B 422 -26.91 -13.07 -10.85
N ALA B 423 -26.07 -13.62 -9.98
CA ALA B 423 -26.03 -13.21 -8.59
C ALA B 423 -24.97 -12.09 -8.43
N ALA B 424 -25.33 -11.05 -7.74
CA ALA B 424 -24.48 -9.83 -7.67
C ALA B 424 -24.17 -9.52 -6.22
N GLN B 425 -22.92 -9.14 -5.92
CA GLN B 425 -22.58 -8.57 -4.60
C GLN B 425 -21.60 -7.43 -4.88
N PHE B 426 -22.07 -6.21 -4.70
CA PHE B 426 -21.21 -4.98 -4.68
C PHE B 426 -20.56 -4.91 -3.31
N ILE B 427 -19.21 -4.76 -3.29
CA ILE B 427 -18.44 -4.71 -2.07
C ILE B 427 -17.87 -3.31 -2.07
N ILE B 428 -18.31 -2.52 -1.15
CA ILE B 428 -18.22 -1.06 -1.27
C ILE B 428 -17.06 -0.47 -0.45
N GLY B 429 -16.01 -0.05 -1.15
CA GLY B 429 -14.83 0.58 -0.52
C GLY B 429 -15.15 2.05 -0.32
N LEU B 430 -14.12 2.87 -0.03
CA LEU B 430 -14.37 4.26 0.17
C LEU B 430 -14.67 4.97 -1.11
N ARG B 431 -13.92 4.66 -2.15
CA ARG B 431 -13.99 5.38 -3.43
C ARG B 431 -14.22 4.48 -4.65
N GLU B 432 -14.49 3.20 -4.39
CA GLU B 432 -14.70 2.24 -5.44
C GLU B 432 -15.57 1.11 -4.88
N MET B 433 -16.20 0.37 -5.81
CA MET B 433 -16.81 -0.96 -5.46
C MET B 433 -16.23 -2.08 -6.27
N HIS B 434 -16.00 -3.23 -5.61
CA HIS B 434 -15.80 -4.45 -6.31
C HIS B 434 -17.20 -5.03 -6.63
N HIS B 435 -17.52 -5.11 -7.91
CA HIS B 435 -18.85 -5.56 -8.37
C HIS B 435 -18.66 -7.06 -8.73
N VAL B 436 -18.88 -7.91 -7.73
CA VAL B 436 -18.67 -9.32 -7.92
C VAL B 436 -19.97 -9.94 -8.54
N CYS B 437 -19.79 -10.58 -9.69
CA CYS B 437 -20.91 -11.26 -10.36
C CYS B 437 -20.60 -12.74 -10.28
N LEU B 438 -21.39 -13.49 -9.53
CA LEU B 438 -21.19 -14.92 -9.43
C LEU B 438 -22.20 -15.59 -10.35
N PHE B 439 -21.70 -16.41 -11.24
CA PHE B 439 -22.58 -17.28 -12.05
C PHE B 439 -22.49 -18.68 -11.55
N ILE B 440 -23.64 -19.21 -11.13
CA ILE B 440 -23.73 -20.49 -10.50
C ILE B 440 -24.25 -21.45 -11.60
N TYR B 441 -23.66 -22.59 -11.72
CA TYR B 441 -23.99 -23.50 -12.87
C TYR B 441 -23.66 -24.90 -12.50
N ASP B 442 -24.18 -25.83 -13.31
CA ASP B 442 -23.97 -27.23 -13.08
C ASP B 442 -22.66 -27.70 -13.68
N THR B 443 -21.67 -27.97 -12.85
CA THR B 443 -20.34 -28.22 -13.32
C THR B 443 -20.23 -29.53 -14.07
N ALA B 444 -21.24 -30.40 -13.89
CA ALA B 444 -21.21 -31.70 -14.60
C ALA B 444 -21.62 -31.62 -16.07
N ILE B 445 -22.19 -30.53 -16.55
CA ILE B 445 -22.73 -30.48 -17.92
C ILE B 445 -21.68 -29.78 -18.78
N PRO B 446 -21.05 -30.51 -19.72
CA PRO B 446 -20.00 -29.89 -20.52
C PRO B 446 -20.40 -28.57 -21.20
N GLU B 447 -21.66 -28.52 -21.69
CA GLU B 447 -22.18 -27.37 -22.41
C GLU B 447 -22.35 -26.15 -21.47
N ALA B 448 -22.75 -26.40 -20.23
CA ALA B 448 -22.88 -25.32 -19.27
C ALA B 448 -21.45 -24.78 -18.93
N ARG B 449 -20.46 -25.65 -18.77
CA ARG B 449 -19.09 -25.18 -18.52
C ARG B 449 -18.59 -24.34 -19.68
N GLU B 450 -18.92 -24.72 -20.91
CA GLU B 450 -18.58 -23.93 -22.07
C GLU B 450 -19.31 -22.62 -22.19
N GLU B 451 -20.59 -22.59 -21.86
CA GLU B 451 -21.31 -21.33 -21.95
C GLU B 451 -20.73 -20.34 -20.95
N ILE B 452 -20.38 -20.84 -19.78
CA ILE B 452 -19.75 -20.01 -18.71
C ILE B 452 -18.46 -19.40 -19.27
N LEU B 453 -17.63 -20.20 -19.91
CA LEU B 453 -16.34 -19.72 -20.48
C LEU B 453 -16.62 -18.68 -21.53
N GLN B 454 -17.53 -18.96 -22.47
CA GLN B 454 -17.75 -18.05 -23.56
C GLN B 454 -18.43 -16.77 -23.11
N MET B 455 -19.38 -16.91 -22.19
CA MET B 455 -20.07 -15.78 -21.66
C MET B 455 -19.10 -14.80 -20.97
N THR B 456 -18.24 -15.38 -20.12
CA THR B 456 -17.35 -14.53 -19.32
C THR B 456 -16.28 -13.88 -20.24
N LYS B 457 -15.82 -14.56 -21.31
CA LYS B 457 -14.91 -13.96 -22.30
C LYS B 457 -15.57 -12.78 -22.96
N VAL B 458 -16.86 -12.91 -23.30
CA VAL B 458 -17.64 -11.79 -23.77
C VAL B 458 -17.76 -10.67 -22.78
N LEU B 459 -18.08 -10.98 -21.53
CA LEU B 459 -18.21 -9.98 -20.51
C LEU B 459 -16.90 -9.20 -20.30
N VAL B 460 -15.77 -9.87 -20.28
CA VAL B 460 -14.45 -9.16 -20.12
C VAL B 460 -14.24 -8.12 -21.24
N ARG B 461 -14.47 -8.57 -22.46
CA ARG B 461 -14.32 -7.68 -23.61
C ARG B 461 -15.30 -6.54 -23.60
N GLU B 462 -16.58 -6.78 -23.36
CA GLU B 462 -17.61 -5.77 -23.34
C GLU B 462 -17.41 -4.76 -22.26
N ALA B 463 -16.96 -5.27 -21.10
CA ALA B 463 -16.75 -4.39 -19.99
C ALA B 463 -15.55 -3.46 -20.31
N ALA B 464 -14.49 -4.00 -20.91
CA ALA B 464 -13.32 -3.21 -21.26
C ALA B 464 -13.65 -2.16 -22.32
N GLU B 465 -14.55 -2.52 -23.25
CA GLU B 465 -15.01 -1.52 -24.26
C GLU B 465 -15.77 -0.40 -23.61
N ALA B 466 -16.39 -0.63 -22.45
CA ALA B 466 -17.05 0.42 -21.71
C ALA B 466 -16.20 1.12 -20.65
N GLY B 467 -14.94 0.73 -20.56
CA GLY B 467 -13.97 1.33 -19.63
C GLY B 467 -13.91 0.72 -18.24
N TYR B 468 -14.30 -0.54 -18.14
CA TYR B 468 -14.30 -1.25 -16.87
C TYR B 468 -13.35 -2.42 -16.95
N GLY B 469 -12.53 -2.56 -15.89
CA GLY B 469 -11.61 -3.65 -15.71
C GLY B 469 -11.93 -4.46 -14.48
N GLU B 470 -11.47 -5.69 -14.50
CA GLU B 470 -11.61 -6.62 -13.35
C GLU B 470 -10.43 -6.49 -12.37
N TYR B 471 -10.75 -6.67 -11.09
CA TYR B 471 -9.75 -6.59 -9.99
C TYR B 471 -9.04 -7.92 -9.81
N ARG B 472 -9.60 -9.01 -10.31
CA ARG B 472 -9.17 -10.36 -10.00
C ARG B 472 -9.92 -11.27 -10.96
N THR B 473 -9.36 -12.41 -11.32
CA THR B 473 -10.06 -13.29 -12.31
C THR B 473 -9.62 -14.70 -12.23
N HIS B 474 -10.36 -15.52 -12.99
CA HIS B 474 -10.14 -16.96 -13.09
C HIS B 474 -8.99 -17.32 -14.03
N ASN B 475 -8.29 -18.42 -13.75
CA ASN B 475 -7.24 -18.96 -14.67
C ASN B 475 -7.61 -18.83 -16.17
N ALA B 476 -8.85 -19.21 -16.49
CA ALA B 476 -9.38 -19.20 -17.88
C ALA B 476 -9.47 -17.84 -18.53
N LEU B 477 -9.51 -16.79 -17.71
CA LEU B 477 -9.64 -15.42 -18.16
C LEU B 477 -8.41 -14.50 -17.95
N MET B 478 -7.34 -15.03 -17.38
CA MET B 478 -6.16 -14.18 -17.03
C MET B 478 -5.59 -13.52 -18.28
N ASP B 479 -5.39 -14.28 -19.33
CA ASP B 479 -4.86 -13.61 -20.56
C ASP B 479 -5.80 -12.52 -21.11
N ASP B 480 -7.11 -12.80 -21.22
CA ASP B 480 -8.06 -11.85 -21.72
C ASP B 480 -8.15 -10.63 -20.83
N VAL B 481 -8.09 -10.80 -19.50
CA VAL B 481 -8.17 -9.66 -18.62
C VAL B 481 -6.89 -8.82 -18.73
N MET B 482 -5.71 -9.43 -18.70
CA MET B 482 -4.47 -8.64 -18.81
C MET B 482 -4.49 -7.89 -20.16
N ALA B 483 -5.05 -8.52 -21.19
CA ALA B 483 -5.09 -7.86 -22.49
C ALA B 483 -5.91 -6.56 -22.49
N THR B 484 -6.87 -6.38 -21.57
CA THR B 484 -7.62 -5.15 -21.46
C THR B 484 -6.80 -3.99 -20.90
N PHE B 485 -5.74 -4.29 -20.16
CA PHE B 485 -5.00 -3.24 -19.47
C PHE B 485 -3.83 -2.76 -20.33
N ASN B 486 -4.15 -2.39 -21.56
CA ASN B 486 -3.13 -2.23 -22.57
C ASN B 486 -2.97 -0.80 -23.04
N TRP B 487 -3.26 0.15 -22.14
CA TRP B 487 -2.80 1.53 -22.37
C TRP B 487 -1.35 1.58 -22.87
N GLY B 488 -1.10 2.52 -23.79
CA GLY B 488 0.22 2.68 -24.30
C GLY B 488 0.85 1.52 -24.96
N ASP B 489 0.06 0.83 -25.79
CA ASP B 489 0.52 -0.32 -26.52
C ASP B 489 1.03 -1.43 -25.60
N GLY B 490 0.29 -1.74 -24.56
CA GLY B 490 0.58 -2.86 -23.72
C GLY B 490 1.76 -2.60 -22.81
N ALA B 491 1.92 -1.33 -22.37
CA ALA B 491 3.11 -0.96 -21.54
C ALA B 491 3.24 -1.75 -20.21
N LEU B 492 2.10 -1.93 -19.57
CA LEU B 492 2.09 -2.57 -18.22
C LEU B 492 2.58 -4.02 -18.33
N LEU B 493 2.05 -4.75 -19.32
CA LEU B 493 2.43 -6.12 -19.52
C LEU B 493 3.89 -6.26 -19.90
N LYS B 494 4.41 -5.35 -20.72
CA LYS B 494 5.80 -5.40 -21.11
C LYS B 494 6.71 -5.22 -19.92
N PHE B 495 6.31 -4.29 -19.03
CA PHE B 495 7.02 -4.07 -17.81
C PHE B 495 7.07 -5.30 -16.94
N HIS B 496 5.92 -5.92 -16.74
CA HIS B 496 5.84 -7.11 -15.97
C HIS B 496 6.68 -8.27 -16.52
N GLU B 497 6.68 -8.41 -17.83
CA GLU B 497 7.50 -9.44 -18.52
C GLU B 497 8.99 -9.23 -18.32
N LYS B 498 9.42 -7.96 -18.37
CA LYS B 498 10.79 -7.65 -18.14
C LYS B 498 11.23 -8.04 -16.73
N ILE B 499 10.44 -7.71 -15.73
CA ILE B 499 10.79 -8.10 -14.40
C ILE B 499 10.78 -9.63 -14.20
N LYS B 500 9.74 -10.24 -14.73
CA LYS B 500 9.56 -11.68 -14.66
C LYS B 500 10.82 -12.37 -15.22
N ASP B 501 11.25 -11.99 -16.43
CA ASP B 501 12.42 -12.60 -17.05
C ASP B 501 13.74 -12.34 -16.29
N ALA B 502 13.82 -11.19 -15.66
CA ALA B 502 14.99 -10.89 -14.89
C ALA B 502 15.09 -11.73 -13.60
N LEU B 503 13.97 -11.98 -12.93
CA LEU B 503 13.92 -12.70 -11.67
C LEU B 503 13.82 -14.24 -11.89
N ASP B 504 13.32 -14.61 -13.07
CA ASP B 504 12.95 -15.99 -13.38
C ASP B 504 13.47 -16.37 -14.75
N PRO B 505 14.78 -16.41 -14.91
CA PRO B 505 15.32 -16.65 -16.23
C PRO B 505 14.99 -18.05 -16.82
N ASN B 506 14.72 -19.02 -15.97
CA ASN B 506 14.29 -20.37 -16.42
C ASN B 506 12.77 -20.56 -16.55
N GLY B 507 11.98 -19.58 -16.14
CA GLY B 507 10.50 -19.59 -16.36
C GLY B 507 9.81 -20.64 -15.52
N ILE B 508 10.14 -20.62 -14.23
CA ILE B 508 9.70 -21.65 -13.29
C ILE B 508 8.39 -21.30 -12.62
N ILE B 509 8.26 -20.07 -12.10
CA ILE B 509 7.17 -19.85 -11.17
C ILE B 509 5.83 -19.46 -11.85
N ALA B 510 4.78 -20.23 -11.56
CA ALA B 510 3.39 -20.04 -12.00
C ALA B 510 3.24 -19.31 -13.33
N PRO B 511 3.82 -19.91 -14.40
CA PRO B 511 3.69 -19.28 -15.71
C PRO B 511 2.30 -18.95 -16.10
N GLY B 512 2.10 -17.69 -16.54
CA GLY B 512 0.83 -17.24 -16.98
C GLY B 512 -0.09 -16.61 -15.95
N LYS B 513 0.34 -16.64 -14.69
CA LYS B 513 -0.41 -15.94 -13.65
C LYS B 513 -0.58 -14.46 -14.08
N SER B 514 -1.82 -13.98 -14.01
CA SER B 514 -2.17 -12.61 -14.42
C SER B 514 -1.82 -12.28 -15.87
N GLY B 515 -1.72 -13.31 -16.69
CA GLY B 515 -1.32 -13.08 -18.07
C GLY B 515 0.16 -12.89 -18.30
N ILE B 516 0.98 -13.09 -17.28
CA ILE B 516 2.45 -12.89 -17.39
C ILE B 516 3.17 -14.18 -17.63
N TRP B 517 3.68 -14.32 -18.84
CA TRP B 517 4.36 -15.51 -19.29
C TRP B 517 5.81 -15.16 -19.46
N SER B 518 6.68 -15.99 -18.92
CA SER B 518 8.10 -15.79 -19.13
C SER B 518 8.45 -16.16 -20.57
N GLN B 519 9.68 -15.81 -20.92
CA GLN B 519 10.16 -15.80 -22.30
C GLN B 519 9.87 -17.17 -22.99
N ARG B 520 10.13 -18.28 -22.30
CA ARG B 520 10.07 -19.61 -23.02
C ARG B 520 8.66 -19.98 -23.36
N PHE B 521 7.65 -19.29 -22.77
CA PHE B 521 6.26 -19.59 -22.99
C PHE B 521 5.53 -18.56 -23.80
N ARG B 522 6.15 -17.43 -24.13
CA ARG B 522 5.42 -16.39 -24.83
C ARG B 522 5.09 -16.79 -26.29
N GLY B 523 3.95 -16.33 -26.75
CA GLY B 523 3.46 -16.53 -28.13
C GLY B 523 2.92 -17.95 -28.41
N GLN B 524 2.57 -18.69 -27.37
CA GLN B 524 2.15 -20.07 -27.43
C GLN B 524 0.68 -20.09 -27.04
N ASN B 525 -0.01 -21.16 -27.41
CA ASN B 525 -1.39 -21.36 -27.03
C ASN B 525 -1.45 -22.34 -25.85
N LEU B 526 -1.33 -21.74 -24.66
CA LEU B 526 -1.38 -22.44 -23.41
C LEU B 526 -2.53 -21.92 -22.49
#